data_2KGH
#
_entry.id   2KGH
#
_entity_poly.entity_id   1
_entity_poly.type   'polypeptide(L)'
_entity_poly.pdbx_seq_one_letter_code
;IFECVFSCDIKKEGKPCKPKGEKKCTGGWRCKIKLCLKI
;
_entity_poly.pdbx_strand_id   A
#
# COMPACT_ATOMS: atom_id res chain seq x y z
N ILE A 1 2.26 2.00 -13.17
CA ILE A 1 1.95 1.68 -11.78
C ILE A 1 2.38 2.88 -10.94
N PHE A 2 1.64 3.23 -9.86
CA PHE A 2 2.00 4.42 -9.07
C PHE A 2 3.20 4.30 -8.12
N GLU A 3 4.33 4.12 -8.76
CA GLU A 3 5.70 4.15 -8.22
C GLU A 3 5.96 3.60 -6.82
N CYS A 4 5.82 4.49 -5.88
CA CYS A 4 6.35 4.43 -4.51
C CYS A 4 7.46 3.36 -4.30
N VAL A 5 7.26 2.46 -3.37
CA VAL A 5 8.11 1.31 -3.14
C VAL A 5 7.19 0.17 -2.84
N PHE A 6 6.34 0.45 -1.91
CA PHE A 6 5.33 -0.45 -1.38
C PHE A 6 5.95 -1.62 -0.66
N SER A 7 6.70 -1.32 0.34
CA SER A 7 7.17 -2.36 1.24
C SER A 7 6.17 -2.46 2.40
N CYS A 8 5.14 -1.63 2.29
CA CYS A 8 4.03 -1.51 3.21
C CYS A 8 4.43 -0.96 4.59
N ASP A 9 5.70 -0.61 4.69
CA ASP A 9 6.22 0.11 5.83
C ASP A 9 5.59 1.45 5.85
N ILE A 10 5.49 2.00 7.01
CA ILE A 10 4.90 3.30 7.23
C ILE A 10 5.63 4.43 6.43
N LYS A 11 6.88 4.20 6.03
CA LYS A 11 7.62 5.22 5.31
C LYS A 11 8.01 4.76 3.87
N LYS A 12 8.17 3.45 3.69
CA LYS A 12 8.47 2.90 2.35
C LYS A 12 7.18 2.97 1.53
N GLU A 13 6.10 2.91 2.24
CA GLU A 13 4.84 3.11 1.80
C GLU A 13 4.19 4.06 2.85
N GLY A 14 2.94 3.90 3.14
CA GLY A 14 2.32 4.66 4.20
C GLY A 14 1.49 5.76 3.63
N LYS A 15 0.56 5.36 2.76
CA LYS A 15 -0.27 6.26 1.90
C LYS A 15 -0.86 5.37 0.80
N PRO A 16 -1.74 5.89 -0.13
CA PRO A 16 -2.32 5.02 -1.15
C PRO A 16 -1.33 4.68 -2.25
N CYS A 17 -0.87 3.48 -2.21
CA CYS A 17 0.07 3.02 -3.16
C CYS A 17 -0.36 1.69 -3.79
N LYS A 18 0.61 1.05 -4.45
CA LYS A 18 0.35 -0.10 -5.26
C LYS A 18 1.02 -1.39 -4.75
N PRO A 19 0.21 -2.28 -4.17
CA PRO A 19 0.67 -3.55 -3.59
C PRO A 19 1.41 -4.44 -4.57
N LYS A 20 2.70 -4.41 -4.49
CA LYS A 20 3.49 -5.23 -5.33
C LYS A 20 3.88 -6.45 -4.56
N GLY A 21 3.40 -7.58 -5.02
CA GLY A 21 3.69 -8.84 -4.36
C GLY A 21 2.61 -9.26 -3.39
N GLU A 22 1.61 -8.44 -3.24
CA GLU A 22 0.50 -8.73 -2.36
C GLU A 22 -0.59 -9.44 -3.13
N LYS A 23 -1.29 -10.33 -2.46
CA LYS A 23 -2.35 -11.09 -3.09
C LYS A 23 -3.73 -10.55 -2.68
N LYS A 24 -3.78 -9.81 -1.59
CA LYS A 24 -5.05 -9.35 -1.07
C LYS A 24 -5.24 -7.88 -1.36
N CYS A 25 -4.22 -7.13 -1.15
CA CYS A 25 -4.25 -5.71 -1.32
C CYS A 25 -4.21 -5.36 -2.83
N THR A 26 -5.01 -4.40 -3.25
CA THR A 26 -5.11 -3.99 -4.64
C THR A 26 -4.60 -2.52 -4.77
N GLY A 27 -4.54 -1.96 -5.97
CA GLY A 27 -4.05 -0.59 -6.14
C GLY A 27 -4.97 0.44 -5.52
N GLY A 28 -4.39 1.43 -4.89
CA GLY A 28 -5.15 2.46 -4.23
C GLY A 28 -5.36 2.13 -2.79
N TRP A 29 -4.45 1.35 -2.27
CA TRP A 29 -4.51 0.92 -0.92
C TRP A 29 -3.42 1.58 -0.16
N ARG A 30 -3.79 2.16 0.94
CA ARG A 30 -2.89 2.89 1.76
C ARG A 30 -2.25 2.01 2.74
N CYS A 31 -0.97 1.76 2.63
CA CYS A 31 -0.33 1.07 3.70
C CYS A 31 -0.37 1.95 4.89
N LYS A 32 -0.82 1.39 5.94
CA LYS A 32 -0.98 2.07 7.15
C LYS A 32 -0.52 1.19 8.26
N ILE A 33 0.78 1.29 8.56
CA ILE A 33 1.46 0.64 9.69
C ILE A 33 1.42 -0.91 9.67
N LYS A 34 0.24 -1.43 9.75
CA LYS A 34 -0.02 -2.82 9.89
C LYS A 34 -0.25 -3.45 8.53
N LEU A 35 -1.08 -2.81 7.74
CA LEU A 35 -1.49 -3.39 6.48
C LEU A 35 -1.93 -2.37 5.47
N CYS A 36 -2.40 -2.85 4.35
CA CYS A 36 -2.87 -2.02 3.27
C CYS A 36 -4.36 -1.75 3.50
N LEU A 37 -4.72 -0.52 3.50
CA LEU A 37 -6.05 -0.11 3.74
C LEU A 37 -6.52 0.82 2.62
N LYS A 38 -7.38 0.29 1.75
CA LYS A 38 -8.00 1.03 0.63
C LYS A 38 -8.44 2.44 0.99
N ILE A 39 -8.25 3.34 0.07
CA ILE A 39 -8.67 4.70 0.24
C ILE A 39 -10.04 4.83 -0.41
N ILE A 1 -1.27 10.68 -9.82
CA ILE A 1 -0.64 9.43 -10.20
C ILE A 1 -0.73 8.44 -9.06
N PHE A 2 -0.59 7.16 -9.34
CA PHE A 2 -0.63 6.13 -8.31
C PHE A 2 0.71 5.40 -8.36
N GLU A 3 1.69 6.09 -8.87
CA GLU A 3 3.02 5.55 -8.99
C GLU A 3 3.73 5.71 -7.67
N CYS A 4 3.89 4.62 -6.98
CA CYS A 4 4.49 4.57 -5.68
C CYS A 4 5.04 3.18 -5.44
N VAL A 5 5.44 2.87 -4.23
CA VAL A 5 5.98 1.58 -3.91
C VAL A 5 4.97 0.91 -3.01
N PHE A 6 5.09 -0.36 -2.78
CA PHE A 6 4.25 -1.01 -1.84
C PHE A 6 5.11 -1.91 -1.01
N SER A 7 6.22 -1.37 -0.57
CA SER A 7 7.03 -2.11 0.38
C SER A 7 6.31 -2.16 1.73
N CYS A 8 5.30 -1.34 1.82
CA CYS A 8 4.40 -1.19 2.97
C CYS A 8 5.16 -0.72 4.25
N ASP A 9 6.41 -0.33 4.04
CA ASP A 9 7.25 0.31 5.02
C ASP A 9 6.79 1.72 5.14
N ILE A 10 6.74 2.20 6.32
CA ILE A 10 6.28 3.55 6.61
C ILE A 10 7.24 4.65 6.04
N LYS A 11 8.50 4.31 5.83
CA LYS A 11 9.46 5.28 5.33
C LYS A 11 9.47 5.42 3.80
N LYS A 12 8.67 4.64 3.13
CA LYS A 12 8.63 4.67 1.68
C LYS A 12 7.21 4.56 1.18
N GLU A 13 6.48 3.63 1.72
CA GLU A 13 5.09 3.53 1.55
C GLU A 13 4.48 4.36 2.68
N GLY A 14 3.22 4.32 2.84
CA GLY A 14 2.61 5.03 3.90
C GLY A 14 1.57 5.95 3.37
N LYS A 15 0.67 5.39 2.64
CA LYS A 15 -0.32 6.11 1.85
C LYS A 15 -1.09 5.09 1.03
N PRO A 16 -2.15 5.47 0.27
CA PRO A 16 -2.85 4.53 -0.59
C PRO A 16 -1.98 4.15 -1.79
N CYS A 17 -1.52 2.93 -1.81
CA CYS A 17 -0.71 2.46 -2.86
C CYS A 17 -1.17 1.10 -3.39
N LYS A 18 -0.42 0.63 -4.35
CA LYS A 18 -0.72 -0.55 -5.13
C LYS A 18 0.09 -1.79 -4.68
N PRO A 19 -0.56 -2.74 -3.97
CA PRO A 19 0.08 -3.94 -3.39
C PRO A 19 0.96 -4.70 -4.37
N LYS A 20 2.19 -4.87 -4.01
CA LYS A 20 3.13 -5.60 -4.78
C LYS A 20 3.79 -6.56 -3.84
N GLY A 21 3.75 -7.82 -4.17
CA GLY A 21 4.26 -8.82 -3.27
C GLY A 21 3.10 -9.40 -2.48
N GLU A 22 2.00 -8.70 -2.56
CA GLU A 22 0.78 -9.08 -1.91
C GLU A 22 -0.18 -9.60 -2.95
N LYS A 23 -0.76 -10.73 -2.69
CA LYS A 23 -1.79 -11.28 -3.57
C LYS A 23 -3.12 -10.67 -3.17
N LYS A 24 -3.17 -10.27 -1.93
CA LYS A 24 -4.31 -9.61 -1.36
C LYS A 24 -3.96 -8.14 -1.17
N CYS A 25 -4.75 -7.43 -0.36
CA CYS A 25 -4.59 -6.00 -0.08
C CYS A 25 -4.79 -5.23 -1.39
N THR A 26 -5.49 -5.81 -2.35
CA THR A 26 -5.56 -5.27 -3.68
C THR A 26 -6.64 -4.21 -3.86
N GLY A 27 -6.20 -3.04 -4.31
CA GLY A 27 -7.02 -1.89 -4.53
C GLY A 27 -6.25 -0.67 -4.10
N GLY A 28 -6.94 0.39 -3.72
CA GLY A 28 -6.25 1.56 -3.19
C GLY A 28 -6.06 1.42 -1.70
N TRP A 29 -5.00 0.73 -1.33
CA TRP A 29 -4.77 0.38 0.05
C TRP A 29 -3.66 1.20 0.68
N ARG A 30 -3.98 1.78 1.81
CA ARG A 30 -3.06 2.63 2.52
C ARG A 30 -2.19 1.80 3.41
N CYS A 31 -0.92 1.77 3.13
CA CYS A 31 -0.02 1.19 4.06
C CYS A 31 0.21 2.17 5.16
N LYS A 32 0.04 1.72 6.37
CA LYS A 32 0.32 2.51 7.51
C LYS A 32 0.72 1.60 8.63
N ILE A 33 1.09 2.19 9.79
CA ILE A 33 1.56 1.44 10.99
C ILE A 33 0.63 0.29 11.40
N LYS A 34 -0.60 0.34 10.97
CA LYS A 34 -1.51 -0.71 11.27
C LYS A 34 -1.32 -1.86 10.31
N LEU A 35 -1.46 -1.60 8.99
CA LEU A 35 -1.45 -2.63 7.93
C LEU A 35 -1.79 -1.99 6.60
N CYS A 36 -2.07 -2.85 5.60
CA CYS A 36 -2.59 -2.45 4.31
C CYS A 36 -4.08 -2.13 4.55
N LEU A 37 -4.51 -0.92 4.33
CA LEU A 37 -5.90 -0.56 4.61
C LEU A 37 -6.53 0.30 3.50
N LYS A 38 -7.44 -0.30 2.74
CA LYS A 38 -8.16 0.37 1.64
C LYS A 38 -8.75 1.71 2.08
N ILE A 39 -8.50 2.72 1.29
CA ILE A 39 -9.00 4.05 1.58
C ILE A 39 -10.47 4.14 1.15
N ILE A 1 3.76 2.41 -14.05
CA ILE A 1 4.28 3.78 -14.13
C ILE A 1 4.19 4.49 -12.78
N PHE A 2 3.19 4.12 -11.98
CA PHE A 2 3.04 4.68 -10.66
C PHE A 2 4.04 4.02 -9.76
N GLU A 3 5.12 4.68 -9.52
CA GLU A 3 6.17 4.08 -8.78
C GLU A 3 6.23 4.63 -7.38
N CYS A 4 6.10 3.74 -6.46
CA CYS A 4 6.19 4.02 -5.05
C CYS A 4 6.77 2.75 -4.43
N VAL A 5 6.94 2.70 -3.14
CA VAL A 5 7.55 1.54 -2.53
C VAL A 5 6.64 1.05 -1.42
N PHE A 6 6.01 -0.09 -1.63
CA PHE A 6 5.05 -0.57 -0.68
C PHE A 6 5.74 -1.49 0.29
N SER A 7 6.66 -0.93 1.01
CA SER A 7 7.25 -1.62 2.13
C SER A 7 6.29 -1.49 3.29
N CYS A 8 5.29 -0.67 3.04
CA CYS A 8 4.19 -0.35 3.91
C CYS A 8 4.65 0.28 5.24
N ASP A 9 5.93 0.67 5.26
CA ASP A 9 6.51 1.44 6.29
C ASP A 9 5.88 2.78 6.28
N ILE A 10 5.92 3.42 7.36
CA ILE A 10 5.41 4.75 7.46
C ILE A 10 6.50 5.73 6.99
N LYS A 11 7.73 5.23 6.93
CA LYS A 11 8.86 6.01 6.43
C LYS A 11 8.94 5.90 4.90
N LYS A 12 8.49 4.80 4.34
CA LYS A 12 8.62 4.58 2.91
C LYS A 12 7.27 4.84 2.26
N GLU A 13 6.31 4.05 2.64
CA GLU A 13 4.99 4.20 2.22
C GLU A 13 4.24 5.04 3.30
N GLY A 14 2.94 4.89 3.43
CA GLY A 14 2.21 5.56 4.51
C GLY A 14 1.32 6.62 3.97
N LYS A 15 0.52 6.20 3.00
CA LYS A 15 -0.27 7.06 2.13
C LYS A 15 -0.90 6.14 1.08
N PRO A 16 -1.71 6.62 0.13
CA PRO A 16 -2.24 5.76 -0.91
C PRO A 16 -1.25 5.55 -2.06
N CYS A 17 -0.83 4.33 -2.20
CA CYS A 17 0.00 3.89 -3.27
C CYS A 17 -0.43 2.52 -3.77
N LYS A 18 0.52 1.66 -4.07
CA LYS A 18 0.25 0.39 -4.71
C LYS A 18 0.89 -0.67 -3.88
N PRO A 19 0.38 -1.88 -3.83
CA PRO A 19 0.87 -2.90 -2.94
C PRO A 19 2.09 -3.64 -3.49
N LYS A 20 2.66 -4.52 -2.69
CA LYS A 20 3.78 -5.34 -3.10
C LYS A 20 3.30 -6.37 -4.10
N GLY A 21 2.23 -7.00 -3.75
CA GLY A 21 1.59 -7.98 -4.57
C GLY A 21 0.41 -8.48 -3.82
N GLU A 22 -0.41 -7.55 -3.39
CA GLU A 22 -1.53 -7.85 -2.54
C GLU A 22 -2.80 -7.90 -3.35
N LYS A 23 -3.64 -8.85 -3.02
CA LYS A 23 -4.94 -8.96 -3.66
C LYS A 23 -6.03 -8.84 -2.61
N LYS A 24 -5.59 -8.85 -1.33
CA LYS A 24 -6.50 -8.72 -0.18
C LYS A 24 -7.00 -7.29 -0.09
N CYS A 25 -6.26 -6.42 -0.70
CA CYS A 25 -6.58 -5.03 -0.75
C CYS A 25 -6.77 -4.66 -2.21
N THR A 26 -7.85 -4.03 -2.55
CA THR A 26 -8.06 -3.58 -3.90
C THR A 26 -8.66 -2.18 -3.89
N GLY A 27 -8.12 -1.29 -4.69
CA GLY A 27 -8.59 0.07 -4.76
C GLY A 27 -7.46 1.03 -4.58
N GLY A 28 -7.42 1.67 -3.44
CA GLY A 28 -6.38 2.60 -3.13
C GLY A 28 -5.61 2.05 -2.00
N TRP A 29 -4.43 1.60 -2.27
CA TRP A 29 -3.71 0.88 -1.32
C TRP A 29 -2.95 1.80 -0.39
N ARG A 30 -3.58 2.12 0.71
CA ARG A 30 -3.00 2.99 1.68
C ARG A 30 -2.18 2.24 2.69
N CYS A 31 -0.99 2.66 2.91
CA CYS A 31 -0.29 2.19 4.06
C CYS A 31 -0.57 3.14 5.16
N LYS A 32 -0.79 2.59 6.29
CA LYS A 32 -1.04 3.33 7.46
C LYS A 32 -0.32 2.56 8.56
N ILE A 33 -0.30 3.08 9.79
CA ILE A 33 0.39 2.44 10.91
C ILE A 33 -0.04 0.96 11.04
N LYS A 34 -1.29 0.69 10.77
CA LYS A 34 -1.75 -0.67 10.74
C LYS A 34 -2.00 -1.19 9.33
N LEU A 35 -0.91 -1.31 8.58
CA LEU A 35 -0.84 -2.04 7.34
C LEU A 35 -1.63 -1.43 6.19
N CYS A 36 -1.89 -2.27 5.19
CA CYS A 36 -2.60 -1.89 4.00
C CYS A 36 -4.06 -1.68 4.30
N LEU A 37 -4.44 -0.46 4.27
CA LEU A 37 -5.76 -0.08 4.44
C LEU A 37 -6.26 0.44 3.11
N LYS A 38 -6.91 -0.41 2.40
CA LYS A 38 -7.55 -0.06 1.15
C LYS A 38 -8.56 1.07 1.37
N ILE A 39 -8.33 2.18 0.73
CA ILE A 39 -9.18 3.32 0.82
C ILE A 39 -9.86 3.57 -0.52
N ILE A 1 -0.15 8.91 -12.28
CA ILE A 1 0.77 9.13 -11.18
C ILE A 1 0.21 8.59 -9.87
N PHE A 2 0.78 7.49 -9.42
CA PHE A 2 0.40 6.85 -8.17
C PHE A 2 1.62 6.03 -7.74
N GLU A 3 2.77 6.54 -8.11
CA GLU A 3 4.02 5.88 -7.87
C GLU A 3 4.38 6.00 -6.39
N CYS A 4 4.98 4.96 -5.86
CA CYS A 4 5.36 4.89 -4.48
C CYS A 4 6.18 3.61 -4.29
N VAL A 5 6.60 3.34 -3.10
CA VAL A 5 7.43 2.20 -2.81
C VAL A 5 6.64 1.31 -1.89
N PHE A 6 6.10 0.26 -2.41
CA PHE A 6 5.23 -0.53 -1.63
C PHE A 6 5.97 -1.67 -0.97
N SER A 7 6.93 -1.30 -0.19
CA SER A 7 7.61 -2.26 0.66
C SER A 7 6.84 -2.30 1.99
N CYS A 8 5.81 -1.48 2.02
CA CYS A 8 4.85 -1.33 3.08
C CYS A 8 5.47 -0.91 4.44
N ASP A 9 6.73 -0.54 4.38
CA ASP A 9 7.42 0.06 5.48
C ASP A 9 6.77 1.35 5.71
N ILE A 10 6.65 1.71 6.91
CA ILE A 10 6.01 2.94 7.27
C ILE A 10 6.96 4.14 6.98
N LYS A 11 8.20 3.83 6.61
CA LYS A 11 9.19 4.84 6.23
C LYS A 11 9.43 4.83 4.70
N LYS A 12 8.71 3.99 3.98
CA LYS A 12 8.81 3.94 2.52
C LYS A 12 7.43 4.18 1.97
N GLU A 13 6.53 3.38 2.42
CA GLU A 13 5.17 3.51 2.19
C GLU A 13 4.60 4.19 3.45
N GLY A 14 3.31 4.31 3.55
CA GLY A 14 2.74 4.89 4.74
C GLY A 14 1.82 6.00 4.35
N LYS A 15 0.85 5.62 3.56
CA LYS A 15 -0.05 6.52 2.84
C LYS A 15 -0.79 5.62 1.82
N PRO A 16 -1.77 6.11 1.04
CA PRO A 16 -2.46 5.30 0.04
C PRO A 16 -1.63 5.12 -1.21
N CYS A 17 -1.08 3.95 -1.36
CA CYS A 17 -0.27 3.64 -2.49
C CYS A 17 -0.68 2.31 -3.10
N LYS A 18 0.23 1.67 -3.81
CA LYS A 18 -0.15 0.55 -4.65
C LYS A 18 0.45 -0.77 -4.22
N PRO A 19 -0.38 -1.66 -3.64
CA PRO A 19 0.04 -2.95 -3.10
C PRO A 19 0.77 -3.85 -4.09
N LYS A 20 2.06 -3.80 -4.03
CA LYS A 20 2.87 -4.65 -4.83
C LYS A 20 3.40 -5.73 -3.94
N GLY A 21 2.76 -6.86 -4.00
CA GLY A 21 3.15 -7.98 -3.18
C GLY A 21 2.00 -8.45 -2.33
N GLU A 22 1.23 -7.52 -1.84
CA GLU A 22 0.08 -7.85 -1.05
C GLU A 22 -1.09 -8.20 -1.96
N LYS A 23 -1.53 -9.44 -1.87
CA LYS A 23 -2.64 -9.91 -2.68
C LYS A 23 -3.95 -9.63 -1.97
N LYS A 24 -3.87 -9.48 -0.65
CA LYS A 24 -5.03 -9.22 0.19
C LYS A 24 -5.50 -7.77 -0.01
N CYS A 25 -4.67 -7.01 -0.65
CA CYS A 25 -4.92 -5.63 -0.92
C CYS A 25 -5.17 -5.48 -2.42
N THR A 26 -5.70 -4.36 -2.88
CA THR A 26 -5.99 -4.24 -4.29
C THR A 26 -5.47 -2.91 -4.92
N GLY A 27 -6.28 -1.84 -4.86
CA GLY A 27 -5.92 -0.62 -5.56
C GLY A 27 -5.37 0.45 -4.66
N GLY A 28 -6.21 1.36 -4.23
CA GLY A 28 -5.79 2.43 -3.37
C GLY A 28 -5.79 2.00 -1.94
N TRP A 29 -4.68 1.47 -1.51
CA TRP A 29 -4.55 0.94 -0.18
C TRP A 29 -3.40 1.60 0.56
N ARG A 30 -3.66 1.95 1.78
CA ARG A 30 -2.73 2.63 2.64
C ARG A 30 -1.90 1.66 3.42
N CYS A 31 -0.60 1.77 3.33
CA CYS A 31 0.18 1.12 4.34
C CYS A 31 0.07 2.02 5.54
N LYS A 32 -0.49 1.49 6.58
CA LYS A 32 -0.76 2.25 7.76
C LYS A 32 -0.22 1.46 8.94
N ILE A 33 -0.04 2.10 10.09
CA ILE A 33 0.50 1.45 11.29
C ILE A 33 -0.52 0.46 11.87
N LYS A 34 -0.71 -0.58 11.12
CA LYS A 34 -1.51 -1.76 11.37
C LYS A 34 -1.14 -2.72 10.29
N LEU A 35 -1.43 -2.30 9.06
CA LEU A 35 -1.30 -3.09 7.87
C LEU A 35 -1.70 -2.28 6.65
N CYS A 36 -1.83 -2.95 5.53
CA CYS A 36 -2.28 -2.34 4.30
C CYS A 36 -3.81 -2.31 4.31
N LEU A 37 -4.37 -1.13 4.31
CA LEU A 37 -5.79 -0.92 4.44
C LEU A 37 -6.30 0.09 3.39
N LYS A 38 -7.30 -0.31 2.60
CA LYS A 38 -7.94 0.53 1.58
C LYS A 38 -8.30 1.92 2.10
N ILE A 39 -8.05 2.91 1.30
CA ILE A 39 -8.42 4.26 1.61
C ILE A 39 -9.88 4.45 1.18
N ILE A 1 -1.28 5.77 -14.19
CA ILE A 1 0.03 5.67 -13.56
C ILE A 1 -0.17 5.51 -12.07
N PHE A 2 0.44 4.49 -11.50
CA PHE A 2 0.28 4.20 -10.11
C PHE A 2 1.53 3.48 -9.60
N GLU A 3 2.53 4.22 -9.21
CA GLU A 3 3.74 3.61 -8.72
C GLU A 3 4.33 4.42 -7.57
N CYS A 4 4.73 3.71 -6.57
CA CYS A 4 5.25 4.23 -5.32
C CYS A 4 6.20 3.13 -4.81
N VAL A 5 6.35 3.00 -3.53
CA VAL A 5 7.04 1.87 -2.98
C VAL A 5 5.98 1.11 -2.23
N PHE A 6 6.22 -0.08 -1.78
CA PHE A 6 5.24 -0.68 -0.92
C PHE A 6 5.90 -1.35 0.24
N SER A 7 6.96 -0.77 0.65
CA SER A 7 7.51 -1.14 1.88
C SER A 7 6.63 -0.43 2.89
N CYS A 8 5.63 -1.17 3.36
CA CYS A 8 4.56 -0.61 4.13
C CYS A 8 4.98 -0.12 5.51
N ASP A 9 5.52 1.06 5.48
CA ASP A 9 5.92 1.85 6.58
C ASP A 9 5.07 3.07 6.46
N ILE A 10 5.12 3.95 7.38
CA ILE A 10 4.35 5.16 7.23
C ILE A 10 5.29 6.32 6.85
N LYS A 11 6.58 6.04 6.83
CA LYS A 11 7.56 7.02 6.42
C LYS A 11 7.71 7.05 4.91
N LYS A 12 8.06 5.91 4.33
CA LYS A 12 8.23 5.79 2.89
C LYS A 12 6.87 5.56 2.20
N GLU A 13 6.20 4.48 2.53
CA GLU A 13 4.87 4.24 2.09
C GLU A 13 3.91 5.00 3.03
N GLY A 14 2.65 4.67 2.99
CA GLY A 14 1.73 5.31 3.89
C GLY A 14 0.90 6.27 3.14
N LYS A 15 0.11 5.74 2.24
CA LYS A 15 -0.65 6.47 1.24
C LYS A 15 -1.24 5.45 0.27
N PRO A 16 -2.22 5.83 -0.61
CA PRO A 16 -2.80 4.87 -1.58
C PRO A 16 -1.79 4.40 -2.61
N CYS A 17 -1.33 3.19 -2.46
CA CYS A 17 -0.35 2.65 -3.33
C CYS A 17 -0.66 1.18 -3.70
N LYS A 18 0.36 0.48 -4.11
CA LYS A 18 0.23 -0.81 -4.74
C LYS A 18 1.04 -1.90 -4.04
N PRO A 19 0.35 -2.76 -3.28
CA PRO A 19 0.94 -3.83 -2.49
C PRO A 19 1.92 -4.73 -3.23
N LYS A 20 3.14 -4.70 -2.78
CA LYS A 20 4.17 -5.57 -3.25
C LYS A 20 4.62 -6.34 -2.04
N GLY A 21 4.52 -7.63 -2.11
CA GLY A 21 4.84 -8.45 -0.98
C GLY A 21 3.57 -8.93 -0.36
N GLU A 22 2.69 -7.99 -0.07
CA GLU A 22 1.38 -8.31 0.42
C GLU A 22 0.52 -8.65 -0.77
N LYS A 23 0.02 -9.84 -0.77
CA LYS A 23 -0.70 -10.38 -1.88
C LYS A 23 -2.21 -10.33 -1.61
N LYS A 24 -2.58 -10.16 -0.36
CA LYS A 24 -4.00 -10.15 -0.02
C LYS A 24 -4.62 -8.81 -0.40
N CYS A 25 -3.83 -7.78 -0.42
CA CYS A 25 -4.30 -6.50 -0.85
C CYS A 25 -3.87 -6.20 -2.28
N THR A 26 -4.76 -5.59 -3.03
CA THR A 26 -4.54 -5.27 -4.42
C THR A 26 -4.16 -3.80 -4.59
N GLY A 27 -4.00 -3.34 -5.81
CA GLY A 27 -3.60 -1.98 -6.05
C GLY A 27 -4.72 -1.01 -5.72
N GLY A 28 -4.36 0.13 -5.16
CA GLY A 28 -5.36 1.10 -4.78
C GLY A 28 -5.69 1.01 -3.33
N TRP A 29 -4.70 0.62 -2.57
CA TRP A 29 -4.82 0.44 -1.15
C TRP A 29 -3.80 1.30 -0.44
N ARG A 30 -4.23 1.98 0.56
CA ARG A 30 -3.42 2.89 1.32
C ARG A 30 -2.67 2.15 2.39
N CYS A 31 -1.36 2.28 2.42
CA CYS A 31 -0.63 1.85 3.59
C CYS A 31 -0.95 2.82 4.66
N LYS A 32 -1.32 2.31 5.78
CA LYS A 32 -1.50 3.10 6.94
C LYS A 32 -0.96 2.38 8.12
N ILE A 33 -0.90 3.07 9.24
CA ILE A 33 -0.24 2.59 10.46
C ILE A 33 -0.68 1.17 10.91
N LYS A 34 -1.91 0.77 10.60
CA LYS A 34 -2.35 -0.53 11.07
C LYS A 34 -2.76 -1.51 9.96
N LEU A 35 -2.82 -1.06 8.71
CA LEU A 35 -3.31 -1.93 7.61
C LEU A 35 -3.02 -1.39 6.25
N CYS A 36 -3.32 -2.22 5.28
CA CYS A 36 -3.41 -1.86 3.90
C CYS A 36 -4.91 -1.67 3.69
N LEU A 37 -5.33 -0.50 3.34
CA LEU A 37 -6.73 -0.21 3.26
C LEU A 37 -7.11 0.47 1.95
N LYS A 38 -7.94 -0.22 1.14
CA LYS A 38 -8.47 0.30 -0.15
C LYS A 38 -8.95 1.75 -0.02
N ILE A 39 -8.63 2.56 -1.00
CA ILE A 39 -9.01 3.95 -0.96
C ILE A 39 -10.32 4.16 -1.74
N ILE A 1 -0.74 8.45 -12.71
CA ILE A 1 0.51 7.97 -12.12
C ILE A 1 0.24 7.46 -10.72
N PHE A 2 0.68 6.25 -10.44
CA PHE A 2 0.49 5.62 -9.16
C PHE A 2 1.77 4.80 -8.88
N GLU A 3 2.89 5.42 -9.19
CA GLU A 3 4.18 4.77 -9.02
C GLU A 3 4.75 5.13 -7.66
N CYS A 4 5.01 4.13 -6.88
CA CYS A 4 5.50 4.24 -5.53
C CYS A 4 5.96 2.87 -5.08
N VAL A 5 6.23 2.67 -3.83
CA VAL A 5 6.69 1.38 -3.36
C VAL A 5 5.56 0.77 -2.58
N PHE A 6 5.59 -0.49 -2.35
CA PHE A 6 4.62 -1.07 -1.50
C PHE A 6 5.32 -2.03 -0.59
N SER A 7 6.42 -1.57 -0.04
CA SER A 7 7.09 -2.33 0.99
C SER A 7 6.29 -2.21 2.30
N CYS A 8 5.27 -1.37 2.21
CA CYS A 8 4.25 -1.12 3.21
C CYS A 8 4.84 -0.58 4.54
N ASP A 9 6.11 -0.19 4.49
CA ASP A 9 6.77 0.49 5.59
C ASP A 9 6.13 1.82 5.73
N ILE A 10 6.07 2.33 6.92
CA ILE A 10 5.44 3.63 7.13
C ILE A 10 6.35 4.77 6.68
N LYS A 11 7.61 4.46 6.44
CA LYS A 11 8.56 5.46 5.96
C LYS A 11 8.89 5.28 4.48
N LYS A 12 8.31 4.30 3.83
CA LYS A 12 8.56 4.08 2.41
C LYS A 12 7.24 4.23 1.70
N GLU A 13 6.30 3.42 2.12
CA GLU A 13 4.96 3.53 1.78
C GLU A 13 4.36 4.42 2.90
N GLY A 14 3.09 4.49 3.02
CA GLY A 14 2.50 5.27 4.08
C GLY A 14 1.65 6.33 3.48
N LYS A 15 0.84 5.91 2.55
CA LYS A 15 0.08 6.78 1.65
C LYS A 15 -0.58 5.83 0.64
N PRO A 16 -1.38 6.31 -0.35
CA PRO A 16 -2.01 5.40 -1.29
C PRO A 16 -1.05 4.83 -2.31
N CYS A 17 -0.83 3.56 -2.21
CA CYS A 17 0.02 2.88 -3.11
C CYS A 17 -0.61 1.56 -3.58
N LYS A 18 0.16 0.87 -4.33
CA LYS A 18 -0.25 -0.30 -5.03
C LYS A 18 0.39 -1.59 -4.50
N PRO A 19 -0.41 -2.48 -3.85
CA PRO A 19 0.08 -3.74 -3.30
C PRO A 19 0.94 -4.53 -4.28
N LYS A 20 2.22 -4.60 -3.97
CA LYS A 20 3.18 -5.25 -4.83
C LYS A 20 3.16 -6.73 -4.54
N GLY A 21 2.61 -7.49 -5.45
CA GLY A 21 2.59 -8.93 -5.34
C GLY A 21 1.62 -9.44 -4.29
N GLU A 22 0.70 -8.61 -3.88
CA GLU A 22 -0.26 -9.02 -2.87
C GLU A 22 -1.56 -9.43 -3.53
N LYS A 23 -2.18 -10.43 -2.96
CA LYS A 23 -3.48 -10.88 -3.42
C LYS A 23 -4.54 -10.20 -2.57
N LYS A 24 -4.11 -9.63 -1.49
CA LYS A 24 -4.98 -8.90 -0.60
C LYS A 24 -4.74 -7.42 -0.75
N CYS A 25 -5.70 -6.63 -0.31
CA CYS A 25 -5.69 -5.16 -0.33
C CYS A 25 -5.41 -4.59 -1.72
N THR A 26 -5.85 -5.29 -2.73
CA THR A 26 -5.60 -4.89 -4.08
C THR A 26 -6.67 -3.91 -4.58
N GLY A 27 -6.28 -2.69 -4.88
CA GLY A 27 -7.20 -1.73 -5.43
C GLY A 27 -7.03 -0.34 -4.86
N GLY A 28 -5.81 0.17 -4.85
CA GLY A 28 -5.55 1.52 -4.34
C GLY A 28 -5.70 1.59 -2.83
N TRP A 29 -4.68 1.20 -2.13
CA TRP A 29 -4.71 1.13 -0.69
C TRP A 29 -3.55 1.89 -0.09
N ARG A 30 -3.81 2.60 0.96
CA ARG A 30 -2.80 3.38 1.65
C ARG A 30 -2.17 2.56 2.73
N CYS A 31 -0.90 2.30 2.67
CA CYS A 31 -0.27 1.68 3.82
C CYS A 31 -0.18 2.70 4.90
N LYS A 32 -0.43 2.27 6.11
CA LYS A 32 -0.38 3.11 7.24
C LYS A 32 -0.04 2.21 8.44
N ILE A 33 0.02 2.81 9.64
CA ILE A 33 0.49 2.19 10.91
C ILE A 33 0.09 0.71 11.15
N LYS A 34 -1.07 0.29 10.71
CA LYS A 34 -1.47 -1.08 10.88
C LYS A 34 -1.03 -1.91 9.68
N LEU A 35 -1.41 -1.44 8.50
CA LEU A 35 -1.25 -2.14 7.23
C LEU A 35 -1.89 -1.31 6.13
N CYS A 36 -2.09 -1.93 5.00
CA CYS A 36 -2.76 -1.37 3.85
C CYS A 36 -4.24 -1.03 4.19
N LEU A 37 -4.66 0.17 3.87
CA LEU A 37 -5.99 0.66 4.11
C LEU A 37 -6.50 1.46 2.90
N LYS A 38 -7.49 0.91 2.21
CA LYS A 38 -8.13 1.49 1.02
C LYS A 38 -8.38 2.98 1.12
N ILE A 39 -8.12 3.64 0.05
CA ILE A 39 -8.43 5.00 -0.11
C ILE A 39 -9.59 5.10 -1.11
N ILE A 1 0.80 1.00 -13.55
CA ILE A 1 0.01 2.21 -13.78
C ILE A 1 0.35 3.32 -12.79
N PHE A 2 0.50 3.00 -11.52
CA PHE A 2 0.95 3.97 -10.56
C PHE A 2 2.24 3.51 -9.95
N GLU A 3 3.20 4.40 -9.89
CA GLU A 3 4.51 4.05 -9.46
C GLU A 3 4.84 4.60 -8.09
N CYS A 4 5.06 3.70 -7.18
CA CYS A 4 5.39 3.99 -5.82
C CYS A 4 6.08 2.77 -5.19
N VAL A 5 6.32 2.80 -3.91
CA VAL A 5 7.04 1.73 -3.23
C VAL A 5 6.05 1.05 -2.32
N PHE A 6 6.31 -0.17 -1.88
CA PHE A 6 5.43 -0.79 -0.93
C PHE A 6 6.23 -1.60 0.04
N SER A 7 7.03 -0.93 0.79
CA SER A 7 7.75 -1.58 1.85
C SER A 7 6.85 -1.55 3.09
N CYS A 8 5.77 -0.83 2.93
CA CYS A 8 4.71 -0.59 3.90
C CYS A 8 5.22 0.10 5.20
N ASP A 9 6.48 0.50 5.16
CA ASP A 9 7.10 1.33 6.15
C ASP A 9 6.47 2.65 6.04
N ILE A 10 6.33 3.32 7.11
CA ILE A 10 5.78 4.66 7.12
C ILE A 10 6.74 5.67 6.42
N LYS A 11 8.01 5.28 6.29
CA LYS A 11 9.00 6.12 5.62
C LYS A 11 9.04 5.86 4.11
N LYS A 12 8.60 4.69 3.70
CA LYS A 12 8.64 4.33 2.28
C LYS A 12 7.25 4.45 1.71
N GLU A 13 6.34 3.81 2.38
CA GLU A 13 5.01 3.77 2.02
C GLU A 13 4.17 4.64 2.98
N GLY A 14 2.87 4.49 2.93
CA GLY A 14 2.00 5.22 3.82
C GLY A 14 1.11 6.12 3.05
N LYS A 15 0.32 5.49 2.20
CA LYS A 15 -0.49 6.18 1.19
C LYS A 15 -1.14 5.06 0.33
N PRO A 16 -2.03 5.35 -0.65
CA PRO A 16 -2.57 4.32 -1.55
C PRO A 16 -1.57 3.90 -2.61
N CYS A 17 -1.09 2.70 -2.49
CA CYS A 17 -0.13 2.13 -3.40
C CYS A 17 -0.46 0.66 -3.72
N LYS A 18 0.57 -0.11 -4.07
CA LYS A 18 0.45 -1.46 -4.58
C LYS A 18 1.28 -2.45 -3.78
N PRO A 19 0.70 -3.52 -3.21
CA PRO A 19 1.42 -4.45 -2.34
C PRO A 19 2.37 -5.35 -3.12
N LYS A 20 2.75 -6.43 -2.52
CA LYS A 20 3.64 -7.37 -3.15
C LYS A 20 2.90 -8.67 -3.44
N GLY A 21 1.71 -8.54 -3.97
CA GLY A 21 0.94 -9.69 -4.35
C GLY A 21 0.01 -10.17 -3.27
N GLU A 22 -0.95 -9.35 -2.88
CA GLU A 22 -1.88 -9.77 -1.87
C GLU A 22 -3.32 -9.49 -2.31
N LYS A 23 -4.20 -10.32 -1.82
CA LYS A 23 -5.63 -10.20 -2.07
C LYS A 23 -6.32 -9.85 -0.76
N LYS A 24 -5.50 -9.68 0.28
CA LYS A 24 -5.96 -9.33 1.62
C LYS A 24 -6.59 -7.95 1.57
N CYS A 25 -6.07 -7.15 0.68
CA CYS A 25 -6.55 -5.85 0.41
C CYS A 25 -6.81 -5.82 -1.10
N THR A 26 -7.84 -5.14 -1.54
CA THR A 26 -8.15 -5.08 -2.95
C THR A 26 -8.57 -3.67 -3.37
N GLY A 27 -8.09 -3.24 -4.53
CA GLY A 27 -8.43 -1.95 -5.07
C GLY A 27 -7.31 -0.95 -4.88
N GLY A 28 -7.40 -0.23 -3.81
CA GLY A 28 -6.40 0.74 -3.49
C GLY A 28 -5.78 0.33 -2.21
N TRP A 29 -4.54 -0.03 -2.26
CA TRP A 29 -3.89 -0.60 -1.15
C TRP A 29 -3.11 0.45 -0.39
N ARG A 30 -3.70 0.99 0.64
CA ARG A 30 -3.07 2.02 1.41
C ARG A 30 -2.28 1.47 2.56
N CYS A 31 -0.99 1.72 2.59
CA CYS A 31 -0.29 1.44 3.80
C CYS A 31 -0.66 2.52 4.77
N LYS A 32 -1.27 2.13 5.84
CA LYS A 32 -1.62 3.05 6.85
C LYS A 32 -1.06 2.55 8.16
N ILE A 33 0.11 3.12 8.51
CA ILE A 33 0.90 2.86 9.74
C ILE A 33 1.20 1.40 10.11
N LYS A 34 0.20 0.61 10.30
CA LYS A 34 0.39 -0.74 10.77
C LYS A 34 0.21 -1.76 9.67
N LEU A 35 -0.76 -1.55 8.81
CA LEU A 35 -1.08 -2.57 7.81
C LEU A 35 -1.48 -1.98 6.50
N CYS A 36 -1.74 -2.89 5.59
CA CYS A 36 -2.26 -2.59 4.30
C CYS A 36 -3.75 -2.44 4.50
N LEU A 37 -4.27 -1.35 4.08
CA LEU A 37 -5.62 -1.05 4.24
C LEU A 37 -6.23 -0.77 2.89
N LYS A 38 -7.10 -1.65 2.47
CA LYS A 38 -7.87 -1.41 1.29
C LYS A 38 -8.71 -0.14 1.50
N ILE A 39 -8.71 0.74 0.55
CA ILE A 39 -9.43 1.97 0.68
C ILE A 39 -10.85 1.80 0.14
N ILE A 1 3.38 0.90 -14.20
CA ILE A 1 2.78 0.90 -12.86
C ILE A 1 3.14 2.20 -12.17
N PHE A 2 2.19 2.77 -11.44
CA PHE A 2 2.47 3.93 -10.61
C PHE A 2 3.44 3.53 -9.50
N GLU A 3 4.66 4.00 -9.61
CA GLU A 3 5.70 3.60 -8.74
C GLU A 3 5.70 4.35 -7.42
N CYS A 4 4.91 3.85 -6.53
CA CYS A 4 4.83 4.35 -5.18
C CYS A 4 5.69 3.47 -4.26
N VAL A 5 6.01 2.26 -4.77
CA VAL A 5 6.80 1.23 -4.10
C VAL A 5 6.12 0.75 -2.83
N PHE A 6 5.56 -0.45 -2.87
CA PHE A 6 4.75 -0.91 -1.77
C PHE A 6 5.62 -1.62 -0.78
N SER A 7 6.56 -0.90 -0.24
CA SER A 7 7.31 -1.43 0.88
C SER A 7 6.47 -1.15 2.13
N CYS A 8 5.39 -0.45 1.90
CA CYS A 8 4.36 -0.14 2.86
C CYS A 8 4.91 0.66 4.08
N ASP A 9 6.09 1.22 3.87
CA ASP A 9 6.72 2.16 4.80
C ASP A 9 5.89 3.39 4.91
N ILE A 10 5.94 4.05 6.01
CA ILE A 10 5.12 5.25 6.24
C ILE A 10 5.68 6.49 5.51
N LYS A 11 6.85 6.34 4.92
CA LYS A 11 7.45 7.46 4.20
C LYS A 11 7.25 7.38 2.69
N LYS A 12 7.46 6.22 2.08
CA LYS A 12 7.22 6.09 0.64
C LYS A 12 5.76 5.75 0.40
N GLU A 13 5.24 4.92 1.27
CA GLU A 13 3.91 4.47 1.22
C GLU A 13 3.11 5.10 2.33
N GLY A 14 1.94 4.60 2.55
CA GLY A 14 1.11 5.13 3.63
C GLY A 14 0.09 6.03 3.04
N LYS A 15 -0.70 5.45 2.18
CA LYS A 15 -1.59 6.14 1.28
C LYS A 15 -2.17 5.08 0.36
N PRO A 16 -3.22 5.36 -0.41
CA PRO A 16 -3.74 4.40 -1.36
C PRO A 16 -2.89 4.32 -2.62
N CYS A 17 -2.16 3.24 -2.72
CA CYS A 17 -1.35 2.94 -3.85
C CYS A 17 -1.54 1.48 -4.25
N LYS A 18 -0.46 0.76 -4.56
CA LYS A 18 -0.59 -0.58 -5.15
C LYS A 18 0.10 -1.65 -4.31
N PRO A 19 -0.59 -2.73 -3.92
CA PRO A 19 -0.07 -3.69 -2.94
C PRO A 19 0.92 -4.70 -3.54
N LYS A 20 1.40 -5.57 -2.70
CA LYS A 20 2.38 -6.53 -3.08
C LYS A 20 1.66 -7.84 -3.38
N GLY A 21 0.89 -8.28 -2.42
CA GLY A 21 0.14 -9.50 -2.58
C GLY A 21 -1.10 -9.44 -1.74
N GLU A 22 -1.53 -8.24 -1.46
CA GLU A 22 -2.68 -8.02 -0.65
C GLU A 22 -3.94 -8.11 -1.47
N LYS A 23 -4.46 -9.30 -1.56
CA LYS A 23 -5.70 -9.58 -2.23
C LYS A 23 -6.86 -9.27 -1.28
N LYS A 24 -6.49 -9.09 -0.01
CA LYS A 24 -7.42 -8.74 1.04
C LYS A 24 -7.99 -7.33 0.81
N CYS A 25 -7.22 -6.51 0.12
CA CYS A 25 -7.59 -5.14 -0.10
C CYS A 25 -8.10 -4.98 -1.53
N THR A 26 -9.07 -4.12 -1.72
CA THR A 26 -9.64 -3.91 -3.01
C THR A 26 -9.80 -2.41 -3.30
N GLY A 27 -9.65 -2.04 -4.56
CA GLY A 27 -9.84 -0.67 -4.97
C GLY A 27 -8.58 0.15 -4.84
N GLY A 28 -8.51 0.91 -3.78
CA GLY A 28 -7.35 1.69 -3.52
C GLY A 28 -6.66 1.07 -2.36
N TRP A 29 -5.48 0.64 -2.56
CA TRP A 29 -4.80 -0.11 -1.58
C TRP A 29 -3.93 0.78 -0.71
N ARG A 30 -4.50 1.19 0.41
CA ARG A 30 -3.80 2.06 1.33
C ARG A 30 -2.87 1.32 2.22
N CYS A 31 -1.66 1.77 2.31
CA CYS A 31 -0.86 1.38 3.43
C CYS A 31 -1.28 2.26 4.52
N LYS A 32 -1.62 1.70 5.62
CA LYS A 32 -2.01 2.46 6.74
C LYS A 32 -1.24 1.99 7.94
N ILE A 33 -0.05 2.59 8.10
CA ILE A 33 0.95 2.43 9.21
C ILE A 33 1.39 0.99 9.57
N LYS A 34 0.48 0.08 9.61
CA LYS A 34 0.76 -1.28 9.98
C LYS A 34 0.48 -2.23 8.82
N LEU A 35 -0.62 -2.01 8.16
CA LEU A 35 -1.07 -2.95 7.17
C LEU A 35 -1.71 -2.28 5.98
N CYS A 36 -2.27 -3.08 5.11
CA CYS A 36 -2.95 -2.59 3.95
C CYS A 36 -4.41 -2.51 4.28
N LEU A 37 -5.00 -1.42 3.96
CA LEU A 37 -6.34 -1.21 4.21
C LEU A 37 -6.98 -0.67 2.94
N LYS A 38 -7.88 -1.44 2.37
CA LYS A 38 -8.66 -0.99 1.23
C LYS A 38 -9.39 0.32 1.53
N ILE A 39 -9.43 1.18 0.57
CA ILE A 39 -10.17 2.40 0.68
C ILE A 39 -11.40 2.26 -0.20
N ILE A 1 2.46 6.87 -14.54
CA ILE A 1 1.35 7.50 -13.84
C ILE A 1 1.13 6.77 -12.51
N PHE A 2 1.14 7.54 -11.42
CA PHE A 2 0.94 7.04 -10.06
C PHE A 2 2.13 6.17 -9.67
N GLU A 3 3.26 6.80 -9.49
CA GLU A 3 4.46 6.09 -9.12
C GLU A 3 4.68 6.21 -7.64
N CYS A 4 5.12 5.14 -7.04
CA CYS A 4 5.37 5.06 -5.65
C CYS A 4 6.18 3.77 -5.41
N VAL A 5 6.52 3.49 -4.20
CA VAL A 5 7.31 2.34 -3.85
C VAL A 5 6.51 1.52 -2.93
N PHE A 6 5.94 0.48 -3.43
CA PHE A 6 5.04 -0.28 -2.66
C PHE A 6 5.76 -1.42 -2.04
N SER A 7 6.63 -1.09 -1.16
CA SER A 7 7.20 -2.10 -0.30
C SER A 7 6.34 -2.15 0.95
N CYS A 8 5.36 -1.26 0.94
CA CYS A 8 4.34 -1.07 1.96
C CYS A 8 4.92 -0.63 3.32
N ASP A 9 6.21 -0.35 3.33
CA ASP A 9 6.89 0.24 4.49
C ASP A 9 6.29 1.57 4.72
N ILE A 10 6.22 2.01 5.93
CA ILE A 10 5.65 3.33 6.21
C ILE A 10 6.67 4.44 5.94
N LYS A 11 7.91 4.05 5.71
CA LYS A 11 8.94 5.00 5.34
C LYS A 11 8.97 5.19 3.82
N LYS A 12 8.63 4.16 3.08
CA LYS A 12 8.66 4.24 1.62
C LYS A 12 7.27 4.59 1.15
N GLU A 13 6.37 3.71 1.49
CA GLU A 13 5.01 3.85 1.24
C GLU A 13 4.38 4.55 2.45
N GLY A 14 3.10 4.62 2.53
CA GLY A 14 2.47 5.19 3.72
C GLY A 14 1.43 6.19 3.33
N LYS A 15 0.52 5.74 2.50
CA LYS A 15 -0.46 6.57 1.81
C LYS A 15 -1.14 5.65 0.78
N PRO A 16 -2.15 6.11 0.00
CA PRO A 16 -2.75 5.27 -1.02
C PRO A 16 -1.83 5.13 -2.22
N CYS A 17 -1.31 3.95 -2.40
CA CYS A 17 -0.47 3.67 -3.53
C CYS A 17 -0.81 2.32 -4.20
N LYS A 18 0.13 1.81 -5.01
CA LYS A 18 -0.15 0.73 -5.93
C LYS A 18 0.55 -0.58 -5.56
N PRO A 19 -0.22 -1.59 -5.21
CA PRO A 19 0.28 -2.87 -4.65
C PRO A 19 1.39 -3.60 -5.38
N LYS A 20 2.08 -4.40 -4.59
CA LYS A 20 3.09 -5.32 -5.00
C LYS A 20 3.39 -6.17 -3.77
N GLY A 21 2.77 -7.32 -3.68
CA GLY A 21 3.02 -8.21 -2.57
C GLY A 21 1.86 -8.26 -1.59
N GLU A 22 0.76 -7.67 -1.96
CA GLU A 22 -0.44 -7.65 -1.14
C GLU A 22 -1.60 -8.28 -1.91
N LYS A 23 -2.39 -9.08 -1.24
CA LYS A 23 -3.57 -9.68 -1.82
C LYS A 23 -4.82 -9.30 -0.98
N LYS A 24 -4.57 -8.58 0.11
CA LYS A 24 -5.59 -8.22 1.10
C LYS A 24 -6.65 -7.27 0.50
N CYS A 25 -6.21 -6.16 -0.01
CA CYS A 25 -7.09 -5.10 -0.44
C CYS A 25 -7.55 -5.22 -1.90
N THR A 26 -8.17 -4.14 -2.37
CA THR A 26 -8.59 -3.94 -3.72
C THR A 26 -8.91 -2.44 -3.85
N GLY A 27 -8.70 -1.85 -5.01
CA GLY A 27 -8.93 -0.43 -5.20
C GLY A 27 -7.66 0.38 -4.99
N GLY A 28 -7.70 1.30 -4.06
CA GLY A 28 -6.55 2.11 -3.74
C GLY A 28 -6.00 1.62 -2.44
N TRP A 29 -4.75 1.30 -2.41
CA TRP A 29 -4.22 0.62 -1.24
C TRP A 29 -3.34 1.54 -0.41
N ARG A 30 -3.91 2.03 0.67
CA ARG A 30 -3.17 2.86 1.61
C ARG A 30 -2.27 2.02 2.47
N CYS A 31 -0.98 2.00 2.21
CA CYS A 31 -0.09 1.34 3.14
C CYS A 31 -0.07 2.16 4.37
N LYS A 32 -0.52 1.57 5.45
CA LYS A 32 -0.58 2.26 6.67
C LYS A 32 -0.49 1.27 7.79
N ILE A 33 0.55 1.48 8.64
CA ILE A 33 0.87 0.76 9.90
C ILE A 33 0.89 -0.80 9.84
N LYS A 34 -0.14 -1.39 9.34
CA LYS A 34 -0.24 -2.81 9.31
C LYS A 34 -0.05 -3.33 7.90
N LEU A 35 -0.87 -2.82 7.00
CA LEU A 35 -0.98 -3.41 5.65
C LEU A 35 -1.53 -2.37 4.74
N CYS A 36 -2.10 -2.84 3.66
CA CYS A 36 -2.85 -2.01 2.78
C CYS A 36 -4.23 -1.76 3.38
N LEU A 37 -4.67 -0.54 3.33
CA LEU A 37 -5.97 -0.17 3.73
C LEU A 37 -6.72 0.52 2.56
N LYS A 38 -7.45 -0.30 1.76
CA LYS A 38 -8.46 0.15 0.77
C LYS A 38 -9.03 1.55 1.04
N ILE A 39 -8.76 2.44 0.15
CA ILE A 39 -9.27 3.77 0.21
C ILE A 39 -10.48 3.88 -0.72
N ILE A 1 -0.75 7.48 -12.69
CA ILE A 1 0.56 7.02 -12.24
C ILE A 1 0.44 6.55 -10.81
N PHE A 2 0.16 5.29 -10.64
CA PHE A 2 -0.06 4.70 -9.34
C PHE A 2 1.19 3.93 -8.97
N GLU A 3 2.31 4.63 -8.96
CA GLU A 3 3.57 3.99 -8.66
C GLU A 3 4.02 4.38 -7.29
N CYS A 4 4.62 3.44 -6.60
CA CYS A 4 5.03 3.59 -5.22
C CYS A 4 5.80 2.31 -4.84
N VAL A 5 6.25 2.17 -3.62
CA VAL A 5 7.05 1.02 -3.24
C VAL A 5 6.33 0.30 -2.17
N PHE A 6 5.69 -0.79 -2.48
CA PHE A 6 4.79 -1.39 -1.55
C PHE A 6 5.48 -2.39 -0.68
N SER A 7 6.40 -1.89 0.07
CA SER A 7 7.01 -2.69 1.08
C SER A 7 6.18 -2.58 2.37
N CYS A 8 5.19 -1.70 2.29
CA CYS A 8 4.20 -1.37 3.34
C CYS A 8 4.84 -0.80 4.62
N ASP A 9 6.12 -0.58 4.54
CA ASP A 9 6.89 0.11 5.53
C ASP A 9 6.44 1.49 5.52
N ILE A 10 6.39 2.11 6.61
CA ILE A 10 5.89 3.46 6.69
C ILE A 10 6.95 4.49 6.15
N LYS A 11 8.18 4.03 5.97
CA LYS A 11 9.21 4.86 5.36
C LYS A 11 9.20 4.67 3.83
N LYS A 12 8.70 3.55 3.37
CA LYS A 12 8.68 3.21 1.94
C LYS A 12 7.30 3.53 1.39
N GLU A 13 6.35 2.99 2.06
CA GLU A 13 4.96 3.12 1.81
C GLU A 13 4.35 4.01 2.88
N GLY A 14 3.06 3.98 3.01
CA GLY A 14 2.43 4.72 4.08
C GLY A 14 1.53 5.76 3.52
N LYS A 15 0.62 5.32 2.71
CA LYS A 15 -0.23 6.15 1.87
C LYS A 15 -1.04 5.20 0.98
N PRO A 16 -2.06 5.69 0.21
CA PRO A 16 -2.84 4.83 -0.68
C PRO A 16 -2.08 4.45 -1.93
N CYS A 17 -1.50 3.29 -1.91
CA CYS A 17 -0.73 2.84 -3.00
C CYS A 17 -1.10 1.39 -3.42
N LYS A 18 -0.15 0.65 -3.96
CA LYS A 18 -0.46 -0.58 -4.70
C LYS A 18 0.22 -1.84 -4.18
N PRO A 19 -0.51 -2.63 -3.39
CA PRO A 19 -0.03 -3.89 -2.82
C PRO A 19 0.60 -4.81 -3.84
N LYS A 20 1.88 -5.04 -3.70
CA LYS A 20 2.61 -5.90 -4.57
C LYS A 20 3.00 -7.15 -3.82
N GLY A 21 2.36 -8.24 -4.14
CA GLY A 21 2.62 -9.49 -3.49
C GLY A 21 1.50 -9.86 -2.55
N GLU A 22 0.58 -8.96 -2.39
CA GLU A 22 -0.56 -9.15 -1.52
C GLU A 22 -1.71 -9.74 -2.29
N LYS A 23 -2.48 -10.57 -1.64
CA LYS A 23 -3.62 -11.18 -2.29
C LYS A 23 -4.91 -10.63 -1.68
N LYS A 24 -4.84 -10.22 -0.44
CA LYS A 24 -5.96 -9.63 0.25
C LYS A 24 -6.01 -8.15 -0.05
N CYS A 25 -4.86 -7.57 -0.13
CA CYS A 25 -4.74 -6.16 -0.38
C CYS A 25 -4.68 -5.92 -1.91
N THR A 26 -5.52 -5.03 -2.40
CA THR A 26 -5.56 -4.70 -3.82
C THR A 26 -5.15 -3.24 -4.04
N GLY A 27 -5.15 -2.79 -5.28
CA GLY A 27 -4.78 -1.42 -5.58
C GLY A 27 -5.78 -0.46 -4.98
N GLY A 28 -5.28 0.56 -4.32
CA GLY A 28 -6.16 1.49 -3.67
C GLY A 28 -6.21 1.21 -2.19
N TRP A 29 -5.13 0.68 -1.70
CA TRP A 29 -4.99 0.34 -0.31
C TRP A 29 -3.86 1.14 0.31
N ARG A 30 -4.17 1.76 1.40
CA ARG A 30 -3.26 2.59 2.14
C ARG A 30 -2.42 1.75 3.06
N CYS A 31 -1.14 1.85 2.98
CA CYS A 31 -0.35 1.31 4.04
C CYS A 31 -0.42 2.28 5.14
N LYS A 32 -0.85 1.83 6.27
CA LYS A 32 -0.93 2.63 7.44
C LYS A 32 -0.37 1.78 8.56
N ILE A 33 -0.13 2.37 9.73
CA ILE A 33 0.43 1.65 10.88
C ILE A 33 -0.53 0.57 11.41
N LYS A 34 -0.60 -0.49 10.63
CA LYS A 34 -1.30 -1.73 10.87
C LYS A 34 -0.84 -2.69 9.80
N LEU A 35 -1.18 -2.30 8.57
CA LEU A 35 -1.03 -3.08 7.33
C LEU A 35 -1.71 -2.28 6.24
N CYS A 36 -2.05 -2.94 5.15
CA CYS A 36 -2.79 -2.34 4.06
C CYS A 36 -4.23 -2.06 4.53
N LEU A 37 -4.79 -0.96 4.13
CA LEU A 37 -6.14 -0.61 4.45
C LEU A 37 -6.77 0.13 3.25
N LYS A 38 -7.75 -0.49 2.59
CA LYS A 38 -8.44 0.10 1.43
C LYS A 38 -8.99 1.46 1.76
N ILE A 39 -8.85 2.38 0.85
CA ILE A 39 -9.34 3.69 1.05
C ILE A 39 -10.55 3.94 0.14
N ILE A 1 0.14 5.93 -15.23
CA ILE A 1 0.27 4.72 -14.43
C ILE A 1 0.26 5.14 -12.98
N PHE A 2 -0.46 4.40 -12.17
CA PHE A 2 -0.56 4.62 -10.74
C PHE A 2 0.85 4.33 -10.13
N GLU A 3 1.58 5.40 -9.83
CA GLU A 3 3.01 5.33 -9.52
C GLU A 3 3.35 5.42 -8.02
N CYS A 4 4.09 4.40 -7.54
CA CYS A 4 4.70 4.36 -6.22
C CYS A 4 5.47 3.02 -6.12
N VAL A 5 5.72 2.55 -4.94
CA VAL A 5 6.44 1.33 -4.68
C VAL A 5 5.65 0.62 -3.62
N PHE A 6 4.95 -0.40 -4.00
CA PHE A 6 4.07 -1.00 -3.07
C PHE A 6 4.74 -2.11 -2.33
N SER A 7 5.69 -1.73 -1.55
CA SER A 7 6.28 -2.64 -0.59
C SER A 7 5.57 -2.42 0.75
N CYS A 8 4.65 -1.49 0.74
CA CYS A 8 3.76 -1.12 1.85
C CYS A 8 4.49 -0.63 3.14
N ASP A 9 5.78 -0.43 3.03
CA ASP A 9 6.59 0.14 4.06
C ASP A 9 6.21 1.56 4.19
N ILE A 10 6.28 2.07 5.37
CA ILE A 10 5.95 3.47 5.63
C ILE A 10 7.00 4.41 4.97
N LYS A 11 8.20 3.89 4.77
CA LYS A 11 9.30 4.64 4.14
C LYS A 11 9.14 4.68 2.62
N LYS A 12 8.39 3.74 2.09
CA LYS A 12 8.29 3.59 0.65
C LYS A 12 6.89 3.94 0.23
N GLU A 13 5.97 3.15 0.68
CA GLU A 13 4.63 3.37 0.46
C GLU A 13 4.06 4.29 1.58
N GLY A 14 2.80 4.59 1.55
CA GLY A 14 2.21 5.39 2.61
C GLY A 14 1.24 6.39 2.07
N LYS A 15 0.30 5.90 1.30
CA LYS A 15 -0.61 6.71 0.49
C LYS A 15 -1.51 5.73 -0.31
N PRO A 16 -2.44 6.19 -1.18
CA PRO A 16 -3.25 5.25 -1.95
C PRO A 16 -2.46 4.73 -3.12
N CYS A 17 -2.16 3.46 -3.08
CA CYS A 17 -1.33 2.84 -4.05
C CYS A 17 -1.79 1.45 -4.48
N LYS A 18 -0.93 0.76 -5.25
CA LYS A 18 -1.34 -0.48 -5.94
C LYS A 18 -0.71 -1.74 -5.40
N PRO A 19 -1.46 -2.56 -4.64
CA PRO A 19 -0.96 -3.79 -4.06
C PRO A 19 -0.38 -4.74 -5.09
N LYS A 20 0.91 -4.70 -5.23
CA LYS A 20 1.61 -5.52 -6.15
C LYS A 20 2.42 -6.49 -5.36
N GLY A 21 1.83 -7.63 -5.10
CA GLY A 21 2.48 -8.64 -4.33
C GLY A 21 1.55 -9.18 -3.27
N GLU A 22 0.73 -8.31 -2.72
CA GLU A 22 -0.22 -8.69 -1.69
C GLU A 22 -1.33 -9.59 -2.24
N LYS A 23 -1.77 -10.51 -1.42
CA LYS A 23 -2.87 -11.40 -1.75
C LYS A 23 -4.10 -10.97 -0.97
N LYS A 24 -3.87 -10.27 0.12
CA LYS A 24 -4.94 -9.80 0.99
C LYS A 24 -5.39 -8.42 0.53
N CYS A 25 -4.59 -7.77 -0.29
CA CYS A 25 -4.85 -6.42 -0.70
C CYS A 25 -4.78 -6.35 -2.23
N THR A 26 -5.68 -5.62 -2.86
CA THR A 26 -5.64 -5.41 -4.31
C THR A 26 -6.55 -4.23 -4.74
N GLY A 27 -6.04 -3.34 -5.57
CA GLY A 27 -6.83 -2.22 -6.04
C GLY A 27 -6.32 -0.88 -5.52
N GLY A 28 -7.23 -0.04 -5.09
CA GLY A 28 -6.88 1.25 -4.56
C GLY A 28 -6.83 1.20 -3.07
N TRP A 29 -5.67 0.95 -2.53
CA TRP A 29 -5.49 0.76 -1.11
C TRP A 29 -4.45 1.71 -0.57
N ARG A 30 -4.71 2.26 0.59
CA ARG A 30 -3.80 3.16 1.28
C ARG A 30 -2.85 2.38 2.14
N CYS A 31 -1.60 2.30 1.79
CA CYS A 31 -0.68 1.76 2.77
C CYS A 31 -0.52 2.80 3.81
N LYS A 32 -0.80 2.43 5.00
CA LYS A 32 -0.65 3.28 6.09
C LYS A 32 0.13 2.52 7.12
N ILE A 33 0.43 3.15 8.24
CA ILE A 33 1.37 2.64 9.25
C ILE A 33 1.17 1.18 9.71
N LYS A 34 0.00 0.60 9.47
CA LYS A 34 -0.18 -0.80 9.79
C LYS A 34 0.03 -1.68 8.57
N LEU A 35 -0.64 -1.33 7.47
CA LEU A 35 -0.69 -2.12 6.25
C LEU A 35 -1.61 -1.46 5.21
N CYS A 36 -2.00 -2.23 4.19
CA CYS A 36 -2.86 -1.75 3.12
C CYS A 36 -4.28 -1.54 3.66
N LEU A 37 -4.82 -0.39 3.43
CA LEU A 37 -6.17 -0.04 3.85
C LEU A 37 -6.94 0.62 2.71
N LYS A 38 -7.79 -0.17 2.03
CA LYS A 38 -8.69 0.27 0.94
C LYS A 38 -9.27 1.66 1.18
N ILE A 39 -9.12 2.49 0.18
CA ILE A 39 -9.59 3.84 0.23
C ILE A 39 -10.88 3.95 -0.56
N ILE A 1 0.83 5.04 -12.85
CA ILE A 1 0.46 4.63 -11.51
C ILE A 1 0.80 5.72 -10.52
N PHE A 2 0.05 5.79 -9.41
CA PHE A 2 0.33 6.76 -8.38
C PHE A 2 1.67 6.48 -7.73
N GLU A 3 2.49 7.52 -7.68
CA GLU A 3 3.88 7.45 -7.25
C GLU A 3 4.04 6.94 -5.82
N CYS A 4 4.35 5.65 -5.71
CA CYS A 4 4.63 4.96 -4.48
C CYS A 4 4.99 3.51 -4.83
N VAL A 5 5.28 2.70 -3.86
CA VAL A 5 5.69 1.33 -4.00
C VAL A 5 4.88 0.58 -3.01
N PHE A 6 4.11 -0.37 -3.43
CA PHE A 6 3.20 -0.98 -2.54
C PHE A 6 3.79 -2.24 -1.98
N SER A 7 4.76 -2.03 -1.18
CA SER A 7 5.30 -3.09 -0.37
C SER A 7 4.51 -3.07 0.97
N CYS A 8 3.63 -2.07 1.06
CA CYS A 8 2.69 -1.80 2.16
C CYS A 8 3.39 -1.57 3.52
N ASP A 9 4.70 -1.48 3.48
CA ASP A 9 5.47 -1.13 4.66
C ASP A 9 5.11 0.25 5.04
N ILE A 10 5.08 0.55 6.30
CA ILE A 10 4.65 1.88 6.71
C ILE A 10 5.75 2.90 6.48
N LYS A 11 6.95 2.43 6.19
CA LYS A 11 8.07 3.29 5.84
C LYS A 11 8.13 3.48 4.32
N LYS A 12 7.65 2.50 3.58
CA LYS A 12 7.68 2.54 2.11
C LYS A 12 6.39 3.16 1.60
N GLU A 13 5.32 2.53 1.96
CA GLU A 13 4.02 2.93 1.61
C GLU A 13 3.47 3.82 2.75
N GLY A 14 2.28 4.34 2.58
CA GLY A 14 1.68 5.14 3.59
C GLY A 14 0.74 6.18 3.01
N LYS A 15 -0.13 5.73 2.11
CA LYS A 15 -1.05 6.60 1.33
C LYS A 15 -1.86 5.70 0.37
N PRO A 16 -2.88 6.22 -0.40
CA PRO A 16 -3.66 5.39 -1.35
C PRO A 16 -2.79 4.91 -2.50
N CYS A 17 -2.41 3.66 -2.48
CA CYS A 17 -1.49 3.18 -3.45
C CYS A 17 -1.88 1.90 -4.17
N LYS A 18 -0.96 1.46 -5.05
CA LYS A 18 -1.20 0.37 -6.01
C LYS A 18 -0.66 -0.97 -5.58
N PRO A 19 -1.53 -1.88 -5.10
CA PRO A 19 -1.13 -3.17 -4.53
C PRO A 19 -0.35 -4.07 -5.47
N LYS A 20 0.94 -4.11 -5.26
CA LYS A 20 1.80 -5.00 -5.99
C LYS A 20 2.06 -6.20 -5.10
N GLY A 21 2.60 -5.94 -3.93
CA GLY A 21 2.84 -7.02 -2.99
C GLY A 21 1.75 -7.09 -1.97
N GLU A 22 0.53 -7.14 -2.45
CA GLU A 22 -0.63 -7.20 -1.62
C GLU A 22 -0.77 -8.53 -0.92
N LYS A 23 -1.54 -8.55 0.12
CA LYS A 23 -1.81 -9.78 0.77
C LYS A 23 -3.21 -10.21 0.37
N LYS A 24 -4.14 -9.26 0.38
CA LYS A 24 -5.55 -9.51 0.04
C LYS A 24 -6.20 -8.26 -0.60
N CYS A 25 -5.42 -7.27 -0.96
CA CYS A 25 -5.99 -6.03 -1.41
C CYS A 25 -5.81 -5.76 -2.91
N THR A 26 -6.79 -5.13 -3.52
CA THR A 26 -6.74 -4.77 -4.94
C THR A 26 -7.56 -3.49 -5.18
N GLY A 27 -6.98 -2.52 -5.85
CA GLY A 27 -7.66 -1.27 -6.09
C GLY A 27 -6.94 -0.11 -5.43
N GLY A 28 -7.65 0.95 -5.16
CA GLY A 28 -7.07 2.09 -4.50
C GLY A 28 -7.02 1.86 -3.00
N TRP A 29 -5.91 1.36 -2.53
CA TRP A 29 -5.79 1.00 -1.13
C TRP A 29 -4.69 1.78 -0.46
N ARG A 30 -5.05 2.43 0.60
CA ARG A 30 -4.16 3.27 1.38
C ARG A 30 -3.43 2.44 2.40
N CYS A 31 -2.16 2.19 2.23
CA CYS A 31 -1.45 1.55 3.32
C CYS A 31 -1.21 2.61 4.34
N LYS A 32 -1.42 2.28 5.55
CA LYS A 32 -1.22 3.17 6.62
C LYS A 32 -0.76 2.29 7.76
N ILE A 33 -0.51 2.88 8.94
CA ILE A 33 0.09 2.20 10.12
C ILE A 33 -0.37 0.76 10.37
N LYS A 34 -1.58 0.42 10.01
CA LYS A 34 -2.05 -0.92 10.22
C LYS A 34 -1.76 -1.81 9.01
N LEU A 35 -2.26 -1.41 7.85
CA LEU A 35 -2.30 -2.25 6.63
C LEU A 35 -2.82 -1.43 5.47
N CYS A 36 -3.21 -2.11 4.42
CA CYS A 36 -3.82 -1.51 3.26
C CYS A 36 -5.32 -1.29 3.55
N LEU A 37 -5.80 -0.09 3.36
CA LEU A 37 -7.16 0.27 3.59
C LEU A 37 -7.72 1.02 2.37
N LYS A 38 -8.59 0.36 1.63
CA LYS A 38 -9.30 0.91 0.47
C LYS A 38 -9.78 2.34 0.71
N ILE A 39 -9.53 3.19 -0.26
CA ILE A 39 -9.93 4.56 -0.17
C ILE A 39 -11.39 4.70 -0.61
N ILE A 1 -0.93 6.24 -12.12
CA ILE A 1 -1.15 7.39 -11.25
C ILE A 1 -0.19 7.33 -10.05
N PHE A 2 -0.09 6.18 -9.40
CA PHE A 2 0.81 6.07 -8.29
C PHE A 2 2.20 5.61 -8.73
N GLU A 3 3.21 6.30 -8.32
CA GLU A 3 4.55 5.88 -8.58
C GLU A 3 5.31 5.94 -7.27
N CYS A 4 5.16 4.90 -6.54
CA CYS A 4 5.66 4.78 -5.20
C CYS A 4 6.68 3.62 -5.08
N VAL A 5 6.89 3.07 -3.89
CA VAL A 5 7.97 2.09 -3.67
C VAL A 5 7.49 0.76 -3.12
N PHE A 6 6.40 0.81 -2.43
CA PHE A 6 5.78 -0.28 -1.69
C PHE A 6 6.73 -0.99 -0.79
N SER A 7 7.26 -0.27 0.14
CA SER A 7 7.99 -0.88 1.22
C SER A 7 7.02 -1.01 2.38
N CYS A 8 5.87 -0.41 2.17
CA CYS A 8 4.73 -0.32 3.07
C CYS A 8 5.08 0.23 4.48
N ASP A 9 6.28 0.79 4.60
CA ASP A 9 6.71 1.51 5.76
C ASP A 9 5.99 2.79 5.76
N ILE A 10 5.71 3.31 6.88
CA ILE A 10 5.03 4.59 6.99
C ILE A 10 6.01 5.73 6.60
N LYS A 11 7.27 5.39 6.51
CA LYS A 11 8.31 6.35 6.19
C LYS A 11 8.64 6.29 4.69
N LYS A 12 8.32 5.19 4.04
CA LYS A 12 8.66 5.02 2.63
C LYS A 12 7.39 5.07 1.82
N GLU A 13 6.45 4.27 2.24
CA GLU A 13 5.16 4.26 1.68
C GLU A 13 4.23 5.10 2.50
N GLY A 14 3.04 5.25 2.05
CA GLY A 14 2.09 5.99 2.86
C GLY A 14 1.08 6.66 2.03
N LYS A 15 0.32 5.85 1.35
CA LYS A 15 -0.66 6.28 0.34
C LYS A 15 -1.13 5.04 -0.40
N PRO A 16 -2.20 5.14 -1.26
CA PRO A 16 -2.65 4.00 -2.06
C PRO A 16 -1.58 3.61 -3.04
N CYS A 17 -1.07 2.42 -2.89
CA CYS A 17 -0.01 1.97 -3.70
C CYS A 17 -0.23 0.53 -4.18
N LYS A 18 0.84 -0.03 -4.72
CA LYS A 18 0.85 -1.34 -5.39
C LYS A 18 1.32 -2.50 -4.49
N PRO A 19 0.39 -3.23 -3.86
CA PRO A 19 0.72 -4.33 -2.93
C PRO A 19 1.24 -5.59 -3.63
N LYS A 20 2.19 -5.40 -4.50
CA LYS A 20 2.82 -6.47 -5.22
C LYS A 20 3.67 -7.30 -4.26
N GLY A 21 3.11 -8.39 -3.82
CA GLY A 21 3.76 -9.22 -2.87
C GLY A 21 2.85 -9.55 -1.72
N GLU A 22 1.76 -8.82 -1.61
CA GLU A 22 0.78 -9.04 -0.57
C GLU A 22 -0.20 -10.12 -0.95
N LYS A 23 -0.85 -10.66 0.06
CA LYS A 23 -1.73 -11.78 -0.11
C LYS A 23 -3.19 -11.32 -0.24
N LYS A 24 -3.57 -10.38 0.60
CA LYS A 24 -4.92 -9.85 0.57
C LYS A 24 -4.95 -8.59 -0.25
N CYS A 25 -4.00 -7.74 0.02
CA CYS A 25 -3.88 -6.44 -0.59
C CYS A 25 -3.71 -6.58 -2.12
N THR A 26 -4.64 -5.99 -2.86
CA THR A 26 -4.68 -6.13 -4.31
C THR A 26 -4.05 -4.93 -5.08
N GLY A 27 -4.70 -3.79 -5.09
CA GLY A 27 -4.21 -2.65 -5.81
C GLY A 27 -5.02 -1.45 -5.45
N GLY A 28 -4.41 -0.29 -5.46
CA GLY A 28 -5.10 0.91 -5.02
C GLY A 28 -5.38 0.81 -3.54
N TRP A 29 -4.41 0.31 -2.83
CA TRP A 29 -4.52 0.09 -1.42
C TRP A 29 -3.48 0.89 -0.69
N ARG A 30 -3.92 1.67 0.24
CA ARG A 30 -3.09 2.59 0.99
C ARG A 30 -2.21 1.87 1.97
N CYS A 31 -0.93 2.06 1.89
CA CYS A 31 -0.11 1.67 2.99
C CYS A 31 -0.39 2.70 4.04
N LYS A 32 -1.11 2.28 5.05
CA LYS A 32 -1.55 3.15 6.10
C LYS A 32 -1.12 2.55 7.41
N ILE A 33 -0.09 3.13 7.98
CA ILE A 33 0.47 2.74 9.27
C ILE A 33 1.11 1.32 9.21
N LYS A 34 0.28 0.27 9.20
CA LYS A 34 0.77 -1.11 9.07
C LYS A 34 -0.02 -1.89 8.04
N LEU A 35 -1.20 -1.46 7.71
CA LEU A 35 -2.02 -2.26 6.82
C LEU A 35 -2.17 -1.63 5.47
N CYS A 36 -2.55 -2.44 4.52
CA CYS A 36 -2.95 -1.96 3.25
C CYS A 36 -4.45 -1.71 3.36
N LEU A 37 -4.82 -0.49 3.26
CA LEU A 37 -6.17 -0.09 3.41
C LEU A 37 -6.70 0.42 2.08
N LYS A 38 -7.59 -0.33 1.47
CA LYS A 38 -8.24 0.02 0.21
C LYS A 38 -8.78 1.44 0.22
N ILE A 39 -8.45 2.18 -0.80
CA ILE A 39 -8.93 3.51 -0.90
C ILE A 39 -10.30 3.50 -1.57
N ILE A 1 -0.91 9.19 -10.50
CA ILE A 1 0.18 8.22 -10.50
C ILE A 1 -0.05 7.23 -9.37
N PHE A 2 -0.38 6.01 -9.71
CA PHE A 2 -0.62 5.03 -8.70
C PHE A 2 0.57 4.08 -8.65
N GLU A 3 1.70 4.65 -8.30
CA GLU A 3 2.95 3.97 -8.18
C GLU A 3 3.66 4.54 -6.98
N CYS A 4 4.45 3.73 -6.34
CA CYS A 4 5.24 4.16 -5.24
C CYS A 4 6.50 3.28 -5.20
N VAL A 5 6.43 2.20 -4.47
CA VAL A 5 7.42 1.16 -4.38
C VAL A 5 6.64 -0.08 -4.00
N PHE A 6 6.05 0.07 -2.86
CA PHE A 6 5.27 -0.92 -2.15
C PHE A 6 6.14 -2.04 -1.64
N SER A 7 7.01 -1.70 -0.75
CA SER A 7 7.72 -2.69 0.03
C SER A 7 7.04 -2.73 1.40
N CYS A 8 5.93 -2.02 1.46
CA CYS A 8 5.07 -1.87 2.61
C CYS A 8 5.75 -1.21 3.83
N ASP A 9 6.97 -0.73 3.62
CA ASP A 9 7.67 0.07 4.64
C ASP A 9 6.89 1.32 4.84
N ILE A 10 6.81 1.80 6.04
CA ILE A 10 6.07 3.04 6.30
C ILE A 10 6.90 4.27 5.89
N LYS A 11 8.12 4.00 5.48
CA LYS A 11 9.01 5.02 4.96
C LYS A 11 8.93 5.08 3.43
N LYS A 12 8.56 3.97 2.80
CA LYS A 12 8.45 3.93 1.33
C LYS A 12 7.00 4.06 0.99
N GLU A 13 6.25 3.10 1.46
CA GLU A 13 4.87 3.05 1.37
C GLU A 13 4.34 3.75 2.64
N GLY A 14 3.10 3.58 2.97
CA GLY A 14 2.58 4.17 4.18
C GLY A 14 1.50 5.12 3.83
N LYS A 15 0.55 4.62 3.07
CA LYS A 15 -0.42 5.42 2.31
C LYS A 15 -1.07 4.46 1.30
N PRO A 16 -2.08 4.89 0.49
CA PRO A 16 -2.71 3.99 -0.45
C PRO A 16 -1.91 3.76 -1.71
N CYS A 17 -1.39 2.59 -1.82
CA CYS A 17 -0.66 2.19 -2.96
C CYS A 17 -1.16 0.83 -3.47
N LYS A 18 -0.27 0.05 -4.05
CA LYS A 18 -0.64 -1.11 -4.78
C LYS A 18 0.15 -2.33 -4.33
N PRO A 19 -0.49 -3.23 -3.60
CA PRO A 19 0.14 -4.43 -3.00
C PRO A 19 0.89 -5.33 -3.98
N LYS A 20 1.87 -6.06 -3.46
CA LYS A 20 2.63 -7.01 -4.26
C LYS A 20 1.99 -8.38 -4.10
N GLY A 21 1.98 -8.85 -2.88
CA GLY A 21 1.42 -10.13 -2.59
C GLY A 21 0.87 -10.15 -1.19
N GLU A 22 -0.08 -9.30 -0.96
CA GLU A 22 -0.71 -9.20 0.33
C GLU A 22 -1.92 -10.12 0.41
N LYS A 23 -2.69 -9.99 1.46
CA LYS A 23 -3.83 -10.80 1.71
C LYS A 23 -5.04 -10.24 0.95
N LYS A 24 -4.97 -10.41 -0.34
CA LYS A 24 -6.03 -10.04 -1.31
C LYS A 24 -6.25 -8.56 -1.45
N CYS A 25 -5.29 -7.79 -1.04
CA CYS A 25 -5.35 -6.35 -1.16
C CYS A 25 -5.14 -5.96 -2.64
N THR A 26 -5.93 -5.04 -3.18
CA THR A 26 -5.73 -4.63 -4.55
C THR A 26 -6.24 -3.19 -4.80
N GLY A 27 -5.35 -2.37 -5.37
CA GLY A 27 -5.64 -1.00 -5.80
C GLY A 27 -6.36 -0.11 -4.78
N GLY A 28 -5.60 0.68 -4.05
CA GLY A 28 -6.20 1.60 -3.10
C GLY A 28 -6.08 1.12 -1.70
N TRP A 29 -5.04 0.39 -1.43
CA TRP A 29 -4.81 -0.16 -0.13
C TRP A 29 -3.59 0.46 0.47
N ARG A 30 -3.74 0.93 1.68
CA ARG A 30 -2.72 1.63 2.40
C ARG A 30 -1.85 0.70 3.19
N CYS A 31 -0.57 0.78 3.01
CA CYS A 31 0.30 0.17 3.97
C CYS A 31 0.31 1.08 5.14
N LYS A 32 -0.13 0.59 6.24
CA LYS A 32 -0.13 1.32 7.45
C LYS A 32 0.28 0.36 8.54
N ILE A 33 0.75 0.90 9.66
CA ILE A 33 1.31 0.11 10.79
C ILE A 33 0.42 -1.06 11.17
N LYS A 34 -0.89 -0.85 11.10
CA LYS A 34 -1.85 -1.91 11.32
C LYS A 34 -1.62 -3.06 10.34
N LEU A 35 -1.94 -2.80 9.08
CA LEU A 35 -1.97 -3.80 8.00
C LEU A 35 -2.12 -3.04 6.69
N CYS A 36 -2.16 -3.79 5.61
CA CYS A 36 -2.54 -3.27 4.32
C CYS A 36 -4.06 -3.04 4.39
N LEU A 37 -4.48 -1.80 4.35
CA LEU A 37 -5.85 -1.45 4.56
C LEU A 37 -6.38 -0.47 3.50
N LYS A 38 -7.37 -0.91 2.73
CA LYS A 38 -8.08 -0.10 1.75
C LYS A 38 -8.44 1.26 2.31
N ILE A 39 -8.21 2.27 1.52
CA ILE A 39 -8.58 3.59 1.89
C ILE A 39 -10.04 3.76 1.47
N ILE A 1 -3.29 8.03 -9.69
CA ILE A 1 -2.67 6.71 -9.64
C ILE A 1 -1.71 6.69 -8.48
N PHE A 2 -1.33 5.52 -8.05
CA PHE A 2 -0.42 5.44 -6.95
C PHE A 2 0.98 4.98 -7.38
N GLU A 3 1.92 5.82 -7.10
CA GLU A 3 3.31 5.58 -7.39
C GLU A 3 4.00 5.30 -6.06
N CYS A 4 4.35 4.05 -5.83
CA CYS A 4 4.89 3.65 -4.54
C CYS A 4 5.67 2.31 -4.63
N VAL A 5 5.86 1.61 -3.48
CA VAL A 5 6.66 0.34 -3.43
C VAL A 5 5.87 -0.84 -2.81
N PHE A 6 4.98 -0.50 -1.95
CA PHE A 6 4.13 -1.40 -1.17
C PHE A 6 4.88 -2.45 -0.40
N SER A 7 5.72 -2.00 0.46
CA SER A 7 6.29 -2.87 1.47
C SER A 7 5.36 -2.78 2.69
N CYS A 8 4.45 -1.83 2.58
CA CYS A 8 3.39 -1.48 3.53
C CYS A 8 3.91 -1.01 4.89
N ASP A 9 5.20 -0.85 4.99
CA ASP A 9 5.84 -0.30 6.14
C ASP A 9 5.54 1.15 6.23
N ILE A 10 5.47 1.67 7.41
CA ILE A 10 5.28 3.09 7.66
C ILE A 10 6.44 3.92 7.04
N LYS A 11 7.61 3.32 6.96
CA LYS A 11 8.76 3.99 6.40
C LYS A 11 8.82 3.81 4.88
N LYS A 12 8.55 2.61 4.41
CA LYS A 12 8.71 2.31 2.98
C LYS A 12 7.50 2.76 2.20
N GLU A 13 6.34 2.46 2.72
CA GLU A 13 5.08 2.88 2.19
C GLU A 13 4.47 3.93 3.08
N GLY A 14 3.24 4.31 2.79
CA GLY A 14 2.55 5.21 3.71
C GLY A 14 1.48 6.02 3.04
N LYS A 15 0.59 5.32 2.34
CA LYS A 15 -0.47 5.92 1.51
C LYS A 15 -1.21 4.82 0.73
N PRO A 16 -2.38 5.12 0.07
CA PRO A 16 -3.08 4.18 -0.83
C PRO A 16 -2.16 3.67 -1.90
N CYS A 17 -1.89 2.39 -1.87
CA CYS A 17 -0.96 1.79 -2.75
C CYS A 17 -1.40 0.41 -3.24
N LYS A 18 -0.51 -0.23 -4.00
CA LYS A 18 -0.78 -1.51 -4.71
C LYS A 18 -0.43 -2.73 -3.87
N PRO A 19 -1.41 -3.44 -3.31
CA PRO A 19 -1.13 -4.61 -2.45
C PRO A 19 -0.27 -5.67 -3.12
N LYS A 20 0.98 -5.60 -2.82
CA LYS A 20 1.98 -6.44 -3.36
C LYS A 20 2.24 -7.55 -2.38
N GLY A 21 1.91 -8.75 -2.77
CA GLY A 21 2.10 -9.88 -1.90
C GLY A 21 0.86 -10.17 -1.09
N GLU A 22 -0.11 -9.29 -1.15
CA GLU A 22 -1.33 -9.47 -0.40
C GLU A 22 -2.32 -10.24 -1.27
N LYS A 23 -2.99 -11.20 -0.69
CA LYS A 23 -3.93 -12.04 -1.42
C LYS A 23 -5.36 -11.53 -1.20
N LYS A 24 -5.63 -11.05 -0.02
CA LYS A 24 -6.94 -10.55 0.35
C LYS A 24 -7.01 -9.06 0.11
N CYS A 25 -6.04 -8.36 0.63
CA CYS A 25 -5.90 -6.95 0.42
C CYS A 25 -5.67 -6.71 -1.09
N THR A 26 -6.64 -6.07 -1.75
CA THR A 26 -6.57 -5.86 -3.17
C THR A 26 -7.55 -4.75 -3.61
N GLY A 27 -7.16 -3.96 -4.59
CA GLY A 27 -8.02 -2.91 -5.11
C GLY A 27 -7.67 -1.53 -4.60
N GLY A 28 -6.40 -1.28 -4.36
CA GLY A 28 -5.99 0.01 -3.84
C GLY A 28 -6.23 0.14 -2.37
N TRP A 29 -5.19 -0.07 -1.60
CA TRP A 29 -5.28 -0.07 -0.16
C TRP A 29 -4.19 0.81 0.44
N ARG A 30 -4.58 1.60 1.39
CA ARG A 30 -3.73 2.55 2.08
C ARG A 30 -2.83 1.86 3.06
N CYS A 31 -1.55 1.87 2.80
CA CYS A 31 -0.60 1.40 3.77
C CYS A 31 -0.53 2.42 4.84
N LYS A 32 -0.97 2.05 5.98
CA LYS A 32 -0.98 2.90 7.10
C LYS A 32 -0.38 2.12 8.24
N ILE A 33 0.05 2.82 9.29
CA ILE A 33 0.79 2.25 10.42
C ILE A 33 0.10 0.99 11.01
N LYS A 34 -1.22 0.94 10.90
CA LYS A 34 -1.97 -0.21 11.35
C LYS A 34 -1.75 -1.39 10.40
N LEU A 35 -2.15 -1.21 9.14
CA LEU A 35 -2.24 -2.26 8.13
C LEU A 35 -2.55 -1.62 6.80
N CYS A 36 -2.92 -2.44 5.86
CA CYS A 36 -3.40 -1.96 4.59
C CYS A 36 -4.92 -1.73 4.73
N LEU A 37 -5.40 -0.62 4.27
CA LEU A 37 -6.79 -0.26 4.42
C LEU A 37 -7.37 0.31 3.11
N LYS A 38 -8.34 -0.39 2.50
CA LYS A 38 -9.01 -0.01 1.22
C LYS A 38 -9.28 1.49 1.12
N ILE A 39 -8.87 2.05 0.01
CA ILE A 39 -9.12 3.44 -0.26
C ILE A 39 -10.42 3.53 -1.08
N ILE A 1 -1.02 4.65 -12.07
CA ILE A 1 0.32 4.44 -11.57
C ILE A 1 0.56 5.33 -10.37
N PHE A 2 0.90 4.75 -9.24
CA PHE A 2 1.24 5.54 -8.09
C PHE A 2 2.73 5.44 -7.97
N GLU A 3 3.40 6.56 -7.97
CA GLU A 3 4.84 6.58 -7.83
C GLU A 3 5.24 6.29 -6.40
N CYS A 4 5.26 5.02 -6.12
CA CYS A 4 5.58 4.47 -4.87
C CYS A 4 6.23 3.11 -5.15
N VAL A 5 6.45 2.31 -4.16
CA VAL A 5 7.11 1.02 -4.34
C VAL A 5 6.32 -0.09 -3.70
N PHE A 6 5.42 0.31 -2.84
CA PHE A 6 4.59 -0.54 -2.01
C PHE A 6 5.38 -1.66 -1.37
N SER A 7 6.34 -1.29 -0.59
CA SER A 7 7.01 -2.24 0.26
C SER A 7 6.29 -2.21 1.62
N CYS A 8 5.25 -1.39 1.65
CA CYS A 8 4.32 -1.18 2.76
C CYS A 8 5.02 -0.67 4.04
N ASP A 9 6.27 -0.32 3.90
CA ASP A 9 7.03 0.30 4.95
C ASP A 9 6.58 1.70 5.16
N ILE A 10 6.95 2.23 6.27
CA ILE A 10 6.60 3.57 6.68
C ILE A 10 7.28 4.67 5.80
N LYS A 11 8.46 4.40 5.25
CA LYS A 11 9.09 5.38 4.36
C LYS A 11 9.02 4.97 2.90
N LYS A 12 8.91 3.68 2.67
CA LYS A 12 8.77 3.19 1.29
C LYS A 12 7.38 3.54 0.81
N GLU A 13 6.42 3.16 1.59
CA GLU A 13 5.09 3.41 1.36
C GLU A 13 4.59 4.37 2.47
N GLY A 14 3.31 4.50 2.61
CA GLY A 14 2.75 5.28 3.70
C GLY A 14 1.69 6.21 3.18
N LYS A 15 0.79 5.66 2.38
CA LYS A 15 -0.20 6.41 1.63
C LYS A 15 -0.90 5.41 0.67
N PRO A 16 -1.91 5.80 -0.16
CA PRO A 16 -2.57 4.88 -1.09
C PRO A 16 -1.68 4.47 -2.25
N CYS A 17 -1.20 3.26 -2.22
CA CYS A 17 -0.37 2.78 -3.27
C CYS A 17 -0.83 1.40 -3.74
N LYS A 18 0.00 0.77 -4.54
CA LYS A 18 -0.38 -0.49 -5.23
C LYS A 18 0.08 -1.76 -4.53
N PRO A 19 -0.82 -2.49 -3.83
CA PRO A 19 -0.47 -3.73 -3.13
C PRO A 19 0.22 -4.75 -4.05
N LYS A 20 1.51 -4.77 -3.98
CA LYS A 20 2.33 -5.61 -4.79
C LYS A 20 2.89 -6.71 -3.92
N GLY A 21 2.51 -7.92 -4.22
CA GLY A 21 2.93 -9.05 -3.42
C GLY A 21 1.81 -9.44 -2.50
N GLU A 22 0.94 -8.50 -2.25
CA GLU A 22 -0.20 -8.70 -1.41
C GLU A 22 -1.36 -9.19 -2.27
N LYS A 23 -1.95 -10.25 -1.85
CA LYS A 23 -3.06 -10.84 -2.56
C LYS A 23 -4.37 -10.41 -1.95
N LYS A 24 -4.37 -10.20 -0.65
CA LYS A 24 -5.60 -9.93 0.09
C LYS A 24 -6.11 -8.51 -0.15
N CYS A 25 -5.25 -7.65 -0.62
CA CYS A 25 -5.64 -6.33 -0.94
C CYS A 25 -5.29 -6.04 -2.38
N THR A 26 -6.17 -5.38 -3.09
CA THR A 26 -5.96 -5.03 -4.49
C THR A 26 -6.71 -3.73 -4.82
N GLY A 27 -6.01 -2.75 -5.36
CA GLY A 27 -6.61 -1.49 -5.72
C GLY A 27 -5.81 -0.34 -5.16
N GLY A 28 -6.48 0.72 -4.79
CA GLY A 28 -5.83 1.86 -4.18
C GLY A 28 -5.84 1.70 -2.69
N TRP A 29 -4.82 1.10 -2.17
CA TRP A 29 -4.76 0.77 -0.77
C TRP A 29 -3.63 1.49 -0.09
N ARG A 30 -3.98 2.17 0.96
CA ARG A 30 -3.04 2.92 1.75
C ARG A 30 -2.23 2.00 2.60
N CYS A 31 -0.94 2.00 2.47
CA CYS A 31 -0.16 1.42 3.53
C CYS A 31 -0.26 2.41 4.62
N LYS A 32 -0.99 2.03 5.60
CA LYS A 32 -1.33 2.87 6.66
C LYS A 32 -0.77 2.26 7.90
N ILE A 33 0.56 2.54 8.06
CA ILE A 33 1.47 2.23 9.21
C ILE A 33 1.31 0.88 9.95
N LYS A 34 0.49 0.03 9.44
CA LYS A 34 0.25 -1.27 9.95
C LYS A 34 0.11 -2.18 8.77
N LEU A 35 -0.82 -1.81 7.90
CA LEU A 35 -1.17 -2.62 6.78
C LEU A 35 -1.83 -1.84 5.65
N CYS A 36 -2.34 -2.59 4.71
CA CYS A 36 -3.02 -2.06 3.56
C CYS A 36 -4.48 -1.72 3.93
N LEU A 37 -4.84 -0.49 3.66
CA LEU A 37 -6.16 0.04 3.93
C LEU A 37 -6.67 0.87 2.74
N LYS A 38 -7.60 0.30 1.96
CA LYS A 38 -8.26 0.99 0.83
C LYS A 38 -8.60 2.45 1.13
N ILE A 39 -8.33 3.29 0.17
CA ILE A 39 -8.62 4.69 0.32
C ILE A 39 -10.06 4.97 -0.11
N ILE A 1 0.13 5.13 -13.97
CA ILE A 1 -0.37 4.39 -12.81
C ILE A 1 0.34 4.91 -11.56
N PHE A 2 -0.32 4.84 -10.41
CA PHE A 2 0.34 5.22 -9.17
C PHE A 2 1.44 4.22 -8.86
N GLU A 3 2.66 4.68 -8.93
CA GLU A 3 3.77 3.82 -8.66
C GLU A 3 4.47 4.32 -7.42
N CYS A 4 4.81 3.41 -6.57
CA CYS A 4 5.39 3.70 -5.28
C CYS A 4 6.26 2.50 -4.93
N VAL A 5 6.58 2.32 -3.69
CA VAL A 5 7.40 1.18 -3.29
C VAL A 5 6.61 0.41 -2.29
N PHE A 6 6.06 -0.70 -2.69
CA PHE A 6 5.17 -1.39 -1.82
C PHE A 6 5.91 -2.42 -1.04
N SER A 7 6.78 -1.94 -0.24
CA SER A 7 7.42 -2.77 0.73
C SER A 7 6.66 -2.60 2.05
N CYS A 8 5.58 -1.83 1.94
CA CYS A 8 4.60 -1.55 2.99
C CYS A 8 5.20 -0.94 4.28
N ASP A 9 6.45 -0.51 4.15
CA ASP A 9 7.12 0.23 5.20
C ASP A 9 6.51 1.55 5.20
N ILE A 10 6.07 1.98 6.29
CA ILE A 10 5.42 3.25 6.38
C ILE A 10 6.47 4.36 6.57
N LYS A 11 7.24 4.50 5.53
CA LYS A 11 8.34 5.41 5.37
C LYS A 11 8.42 5.69 3.88
N LYS A 12 8.56 4.60 3.13
CA LYS A 12 8.53 4.62 1.68
C LYS A 12 7.09 4.51 1.23
N GLU A 13 6.42 3.51 1.73
CA GLU A 13 5.03 3.37 1.58
C GLU A 13 4.38 4.14 2.76
N GLY A 14 3.10 4.13 2.83
CA GLY A 14 2.42 4.80 3.90
C GLY A 14 1.45 5.76 3.32
N LYS A 15 0.64 5.23 2.45
CA LYS A 15 -0.26 5.98 1.57
C LYS A 15 -0.89 4.96 0.61
N PRO A 16 -1.95 5.32 -0.17
CA PRO A 16 -2.57 4.39 -1.10
C PRO A 16 -1.70 4.07 -2.28
N CYS A 17 -1.07 2.93 -2.25
CA CYS A 17 -0.23 2.53 -3.30
C CYS A 17 -0.65 1.14 -3.81
N LYS A 18 0.27 0.45 -4.42
CA LYS A 18 -0.03 -0.75 -5.17
C LYS A 18 0.61 -2.00 -4.58
N PRO A 19 -0.20 -2.80 -3.86
CA PRO A 19 0.25 -3.98 -3.14
C PRO A 19 0.96 -5.02 -3.99
N LYS A 20 2.04 -5.51 -3.43
CA LYS A 20 2.82 -6.55 -4.04
C LYS A 20 2.92 -7.66 -3.05
N GLY A 21 2.50 -8.83 -3.45
CA GLY A 21 2.50 -9.99 -2.57
C GLY A 21 1.12 -10.20 -2.00
N GLU A 22 0.37 -9.14 -1.95
CA GLU A 22 -0.98 -9.16 -1.48
C GLU A 22 -1.90 -9.53 -2.61
N LYS A 23 -2.95 -10.23 -2.30
CA LYS A 23 -3.93 -10.57 -3.30
C LYS A 23 -5.26 -9.95 -2.92
N LYS A 24 -5.48 -9.83 -1.62
CA LYS A 24 -6.71 -9.24 -1.09
C LYS A 24 -6.58 -7.74 -1.17
N CYS A 25 -5.40 -7.26 -0.83
CA CYS A 25 -5.11 -5.88 -0.97
C CYS A 25 -4.78 -5.62 -2.44
N THR A 26 -5.76 -5.14 -3.17
CA THR A 26 -5.62 -4.86 -4.59
C THR A 26 -6.57 -3.71 -4.99
N GLY A 27 -6.03 -2.66 -5.57
CA GLY A 27 -6.85 -1.59 -6.05
C GLY A 27 -6.84 -0.39 -5.15
N GLY A 28 -5.69 0.25 -5.03
CA GLY A 28 -5.58 1.46 -4.24
C GLY A 28 -5.70 1.19 -2.77
N TRP A 29 -4.66 0.64 -2.21
CA TRP A 29 -4.66 0.29 -0.80
C TRP A 29 -3.52 0.99 -0.12
N ARG A 30 -3.85 1.62 0.98
CA ARG A 30 -2.92 2.41 1.75
C ARG A 30 -2.13 1.53 2.67
N CYS A 31 -0.83 1.54 2.57
CA CYS A 31 -0.08 0.96 3.66
C CYS A 31 -0.16 1.93 4.77
N LYS A 32 -0.61 1.48 5.88
CA LYS A 32 -0.72 2.28 7.04
C LYS A 32 -0.32 1.40 8.19
N ILE A 33 -0.13 1.99 9.37
CA ILE A 33 0.38 1.30 10.58
C ILE A 33 -0.32 -0.05 10.87
N LYS A 34 -1.55 -0.18 10.43
CA LYS A 34 -2.29 -1.39 10.65
C LYS A 34 -1.94 -2.45 9.58
N LEU A 35 -2.00 -2.05 8.29
CA LEU A 35 -1.75 -2.90 7.12
C LEU A 35 -2.23 -2.14 5.88
N CYS A 36 -2.28 -2.81 4.71
CA CYS A 36 -2.91 -2.23 3.54
C CYS A 36 -4.42 -2.06 3.76
N LEU A 37 -4.86 -0.85 3.67
CA LEU A 37 -6.23 -0.47 3.85
C LEU A 37 -6.72 0.29 2.62
N LYS A 38 -7.64 -0.30 1.87
CA LYS A 38 -8.31 0.33 0.72
C LYS A 38 -8.67 1.80 0.99
N ILE A 39 -8.40 2.61 0.03
CA ILE A 39 -8.72 4.00 0.11
C ILE A 39 -10.11 4.18 -0.53
N ILE A 1 -2.02 7.11 -12.85
CA ILE A 1 -1.01 7.46 -11.87
C ILE A 1 -1.50 7.17 -10.46
N PHE A 2 -0.96 6.13 -9.88
CA PHE A 2 -1.30 5.73 -8.54
C PHE A 2 -0.11 4.93 -7.97
N GLU A 3 1.00 5.03 -8.65
CA GLU A 3 2.17 4.24 -8.35
C GLU A 3 2.98 4.82 -7.20
N CYS A 4 3.65 3.95 -6.49
CA CYS A 4 4.48 4.30 -5.37
C CYS A 4 5.58 3.20 -5.28
N VAL A 5 5.63 2.47 -4.18
CA VAL A 5 6.48 1.33 -3.93
C VAL A 5 5.73 0.53 -2.89
N PHE A 6 5.05 -0.50 -3.29
CA PHE A 6 4.21 -1.20 -2.37
C PHE A 6 4.95 -2.32 -1.72
N SER A 7 5.96 -1.95 -1.02
CA SER A 7 6.68 -2.88 -0.19
C SER A 7 6.01 -2.93 1.18
N CYS A 8 5.00 -2.08 1.32
CA CYS A 8 4.13 -1.93 2.48
C CYS A 8 4.87 -1.51 3.76
N ASP A 9 6.15 -1.23 3.61
CA ASP A 9 6.95 -0.65 4.65
C ASP A 9 6.40 0.69 4.87
N ILE A 10 6.40 1.15 6.04
CA ILE A 10 5.85 2.44 6.34
C ILE A 10 6.83 3.57 5.87
N LYS A 11 8.04 3.16 5.50
CA LYS A 11 9.03 4.08 4.92
C LYS A 11 8.84 4.18 3.42
N LYS A 12 8.46 3.07 2.82
CA LYS A 12 8.29 2.99 1.37
C LYS A 12 6.87 3.34 1.04
N GLU A 13 6.00 2.51 1.53
CA GLU A 13 4.62 2.66 1.41
C GLU A 13 4.13 3.43 2.65
N GLY A 14 2.88 3.33 2.97
CA GLY A 14 2.40 4.01 4.15
C GLY A 14 1.53 5.15 3.82
N LYS A 15 0.47 4.84 3.11
CA LYS A 15 -0.41 5.80 2.48
C LYS A 15 -1.33 4.99 1.55
N PRO A 16 -2.33 5.60 0.87
CA PRO A 16 -3.19 4.86 -0.06
C PRO A 16 -2.53 4.58 -1.39
N CYS A 17 -2.14 3.35 -1.58
CA CYS A 17 -1.50 2.91 -2.77
C CYS A 17 -2.07 1.56 -3.24
N LYS A 18 -1.25 0.75 -3.89
CA LYS A 18 -1.74 -0.40 -4.64
C LYS A 18 -0.96 -1.68 -4.33
N PRO A 19 -1.63 -2.68 -3.75
CA PRO A 19 -1.02 -3.92 -3.31
C PRO A 19 -0.30 -4.70 -4.39
N LYS A 20 1.00 -4.71 -4.31
CA LYS A 20 1.81 -5.44 -5.24
C LYS A 20 2.20 -6.74 -4.58
N GLY A 21 1.67 -7.82 -5.08
CA GLY A 21 2.02 -9.13 -4.60
C GLY A 21 1.11 -9.61 -3.51
N GLU A 22 0.31 -8.72 -2.97
CA GLU A 22 -0.57 -9.01 -1.94
C GLU A 22 -1.94 -9.26 -2.52
N LYS A 23 -2.40 -10.48 -2.43
CA LYS A 23 -3.67 -10.86 -2.98
C LYS A 23 -4.81 -10.50 -2.02
N LYS A 24 -4.45 -10.21 -0.77
CA LYS A 24 -5.46 -9.93 0.25
C LYS A 24 -5.99 -8.52 0.14
N CYS A 25 -5.28 -7.70 -0.56
CA CYS A 25 -5.67 -6.34 -0.75
C CYS A 25 -6.09 -6.18 -2.21
N THR A 26 -7.14 -5.43 -2.46
CA THR A 26 -7.72 -5.37 -3.79
C THR A 26 -7.13 -4.23 -4.67
N GLY A 27 -7.51 -2.98 -4.41
CA GLY A 27 -7.06 -1.88 -5.23
C GLY A 27 -6.49 -0.74 -4.42
N GLY A 28 -7.31 0.26 -4.15
CA GLY A 28 -6.85 1.39 -3.37
C GLY A 28 -6.76 1.05 -1.91
N TRP A 29 -5.62 0.57 -1.50
CA TRP A 29 -5.42 0.12 -0.15
C TRP A 29 -4.20 0.81 0.46
N ARG A 30 -4.41 1.36 1.61
CA ARG A 30 -3.44 2.13 2.34
C ARG A 30 -2.58 1.24 3.20
N CYS A 31 -1.28 1.22 2.98
CA CYS A 31 -0.43 0.57 3.96
C CYS A 31 -0.37 1.48 5.13
N LYS A 32 -0.82 1.07 6.23
CA LYS A 32 -0.80 1.91 7.35
C LYS A 32 -0.27 1.13 8.51
N ILE A 33 -0.01 1.80 9.62
CA ILE A 33 0.59 1.17 10.79
C ILE A 33 -0.43 0.27 11.52
N LYS A 34 -0.79 -0.80 10.86
CA LYS A 34 -1.71 -1.78 11.31
C LYS A 34 -1.70 -2.89 10.28
N LEU A 35 -1.89 -2.48 9.01
CA LEU A 35 -1.99 -3.35 7.87
C LEU A 35 -2.29 -2.55 6.61
N CYS A 36 -2.58 -3.27 5.56
CA CYS A 36 -3.01 -2.70 4.31
C CYS A 36 -4.54 -2.56 4.40
N LEU A 37 -5.02 -1.34 4.45
CA LEU A 37 -6.39 -1.05 4.68
C LEU A 37 -6.98 -0.23 3.53
N LYS A 38 -8.00 -0.79 2.87
CA LYS A 38 -8.74 -0.10 1.79
C LYS A 38 -9.05 1.37 2.15
N ILE A 39 -8.88 2.25 1.21
CA ILE A 39 -9.18 3.63 1.43
C ILE A 39 -10.65 3.89 1.17
N ILE A 1 -0.79 7.08 -13.11
CA ILE A 1 -0.26 5.90 -12.44
C ILE A 1 0.58 6.37 -11.28
N PHE A 2 0.26 5.94 -10.11
CA PHE A 2 1.01 6.30 -8.95
C PHE A 2 2.21 5.38 -8.79
N GLU A 3 3.38 5.90 -9.15
CA GLU A 3 4.66 5.17 -9.16
C GLU A 3 5.25 5.01 -7.75
N CYS A 4 4.40 4.74 -6.81
CA CYS A 4 4.76 4.62 -5.43
C CYS A 4 5.73 3.47 -5.15
N VAL A 5 6.21 3.42 -3.93
CA VAL A 5 7.09 2.37 -3.47
C VAL A 5 6.31 1.51 -2.53
N PHE A 6 6.01 0.31 -2.90
CA PHE A 6 5.13 -0.45 -2.08
C PHE A 6 5.89 -1.48 -1.32
N SER A 7 6.71 -1.01 -0.47
CA SER A 7 7.35 -1.90 0.46
C SER A 7 6.45 -1.98 1.70
N CYS A 8 5.38 -1.23 1.65
CA CYS A 8 4.33 -1.12 2.66
C CYS A 8 4.87 -0.55 3.99
N ASP A 9 6.12 -0.14 3.95
CA ASP A 9 6.74 0.58 5.03
C ASP A 9 6.11 1.90 5.15
N ILE A 10 6.14 2.45 6.31
CA ILE A 10 5.60 3.81 6.49
C ILE A 10 6.68 4.82 6.11
N LYS A 11 7.82 4.28 5.78
CA LYS A 11 8.98 5.05 5.36
C LYS A 11 8.96 5.20 3.83
N LYS A 12 8.27 4.29 3.17
CA LYS A 12 8.29 4.24 1.71
C LYS A 12 6.89 4.41 1.20
N GLU A 13 6.03 3.52 1.63
CA GLU A 13 4.66 3.57 1.41
C GLU A 13 4.04 4.33 2.63
N GLY A 14 2.79 4.15 2.92
CA GLY A 14 2.18 4.76 4.09
C GLY A 14 1.26 5.85 3.65
N LYS A 15 0.38 5.45 2.77
CA LYS A 15 -0.43 6.35 1.93
C LYS A 15 -1.08 5.47 0.85
N PRO A 16 -2.03 5.97 0.03
CA PRO A 16 -2.66 5.15 -1.02
C PRO A 16 -1.71 4.90 -2.18
N CYS A 17 -1.26 3.69 -2.29
CA CYS A 17 -0.36 3.29 -3.31
C CYS A 17 -0.74 1.91 -3.89
N LYS A 18 0.20 1.27 -4.55
CA LYS A 18 -0.07 0.10 -5.39
C LYS A 18 0.55 -1.23 -4.91
N PRO A 19 -0.24 -2.10 -4.27
CA PRO A 19 0.25 -3.38 -3.75
C PRO A 19 0.72 -4.31 -4.85
N LYS A 20 1.97 -4.65 -4.86
CA LYS A 20 2.48 -5.51 -5.88
C LYS A 20 2.86 -6.84 -5.27
N GLY A 21 2.19 -7.88 -5.69
CA GLY A 21 2.46 -9.21 -5.19
C GLY A 21 1.48 -9.63 -4.14
N GLU A 22 0.74 -8.68 -3.61
CA GLU A 22 -0.24 -8.95 -2.59
C GLU A 22 -1.48 -9.53 -3.22
N LYS A 23 -2.04 -10.52 -2.58
CA LYS A 23 -3.19 -11.20 -3.10
C LYS A 23 -4.46 -10.48 -2.61
N LYS A 24 -4.37 -9.85 -1.45
CA LYS A 24 -5.55 -9.22 -0.89
C LYS A 24 -5.56 -7.76 -1.26
N CYS A 25 -4.43 -7.15 -1.10
CA CYS A 25 -4.26 -5.75 -1.37
C CYS A 25 -4.07 -5.57 -2.88
N THR A 26 -4.90 -4.75 -3.52
CA THR A 26 -4.77 -4.50 -4.94
C THR A 26 -5.58 -3.25 -5.38
N GLY A 27 -4.94 -2.34 -6.05
CA GLY A 27 -5.58 -1.12 -6.47
C GLY A 27 -5.10 0.04 -5.65
N GLY A 28 -6.02 0.88 -5.21
CA GLY A 28 -5.67 2.03 -4.41
C GLY A 28 -5.69 1.68 -2.94
N TRP A 29 -4.61 1.12 -2.48
CA TRP A 29 -4.52 0.68 -1.11
C TRP A 29 -3.49 1.46 -0.35
N ARG A 30 -3.88 1.93 0.77
CA ARG A 30 -3.05 2.72 1.62
C ARG A 30 -2.31 1.85 2.58
N CYS A 31 -1.01 1.84 2.53
CA CYS A 31 -0.30 1.19 3.59
C CYS A 31 -0.36 2.04 4.81
N LYS A 32 -0.52 1.39 5.91
CA LYS A 32 -0.59 1.99 7.19
C LYS A 32 0.00 1.01 8.16
N ILE A 33 0.26 1.45 9.39
CA ILE A 33 0.96 0.65 10.44
C ILE A 33 0.35 -0.74 10.78
N LYS A 34 -0.76 -1.08 10.20
CA LYS A 34 -1.36 -2.37 10.43
C LYS A 34 -1.22 -3.26 9.20
N LEU A 35 -1.55 -2.72 8.03
CA LEU A 35 -1.68 -3.49 6.78
C LEU A 35 -1.90 -2.51 5.66
N CYS A 36 -2.29 -3.05 4.52
CA CYS A 36 -2.71 -2.24 3.40
C CYS A 36 -4.21 -2.01 3.61
N LEU A 37 -4.71 -0.85 3.28
CA LEU A 37 -6.10 -0.53 3.46
C LEU A 37 -6.61 0.29 2.28
N LYS A 38 -7.49 -0.30 1.47
CA LYS A 38 -8.12 0.42 0.35
C LYS A 38 -8.68 1.77 0.76
N ILE A 39 -8.36 2.76 -0.03
CA ILE A 39 -8.75 4.12 0.21
C ILE A 39 -10.25 4.26 -0.07
N ILE A 1 -0.73 7.58 -13.74
CA ILE A 1 0.09 6.44 -13.32
C ILE A 1 -0.25 6.06 -11.89
N PHE A 2 -0.22 4.80 -11.62
CA PHE A 2 -0.50 4.29 -10.31
C PHE A 2 0.71 3.49 -9.92
N GLU A 3 1.66 4.14 -9.34
CA GLU A 3 2.91 3.53 -9.01
C GLU A 3 3.45 4.09 -7.72
N CYS A 4 4.48 3.42 -7.22
CA CYS A 4 5.24 3.80 -6.04
C CYS A 4 6.23 2.64 -5.77
N VAL A 5 6.47 2.33 -4.54
CA VAL A 5 7.38 1.30 -4.12
C VAL A 5 6.67 0.57 -3.03
N PHE A 6 6.10 -0.57 -3.32
CA PHE A 6 5.30 -1.24 -2.34
C PHE A 6 6.16 -2.19 -1.56
N SER A 7 7.13 -1.63 -0.94
CA SER A 7 7.92 -2.36 0.00
C SER A 7 7.24 -2.22 1.36
N CYS A 8 6.14 -1.48 1.31
CA CYS A 8 5.20 -1.24 2.37
C CYS A 8 5.83 -0.56 3.60
N ASP A 9 7.02 -0.02 3.42
CA ASP A 9 7.64 0.86 4.39
C ASP A 9 6.79 2.06 4.44
N ILE A 10 6.60 2.65 5.58
CA ILE A 10 5.77 3.85 5.65
C ILE A 10 6.57 5.06 5.20
N LYS A 11 7.86 4.85 5.02
CA LYS A 11 8.76 5.85 4.47
C LYS A 11 8.54 5.92 2.94
N LYS A 12 8.59 4.75 2.30
CA LYS A 12 8.48 4.65 0.85
C LYS A 12 7.02 4.66 0.47
N GLU A 13 6.35 3.59 0.85
CA GLU A 13 4.97 3.43 0.69
C GLU A 13 4.27 4.12 1.89
N GLY A 14 3.08 3.74 2.20
CA GLY A 14 2.42 4.31 3.35
C GLY A 14 1.43 5.34 2.90
N LYS A 15 0.54 4.87 2.07
CA LYS A 15 -0.40 5.67 1.29
C LYS A 15 -1.19 4.67 0.41
N PRO A 16 -2.11 5.07 -0.49
CA PRO A 16 -2.78 4.12 -1.36
C PRO A 16 -2.01 3.86 -2.66
N CYS A 17 -1.48 2.68 -2.77
CA CYS A 17 -0.74 2.25 -3.90
C CYS A 17 -1.09 0.81 -4.27
N LYS A 18 -0.08 0.02 -4.75
CA LYS A 18 -0.34 -1.29 -5.36
C LYS A 18 0.54 -2.32 -4.71
N PRO A 19 0.01 -3.49 -4.35
CA PRO A 19 0.67 -4.40 -3.41
C PRO A 19 1.71 -5.31 -4.01
N LYS A 20 2.18 -6.22 -3.19
CA LYS A 20 3.15 -7.18 -3.55
C LYS A 20 2.75 -8.49 -2.90
N GLY A 21 2.31 -9.44 -3.71
CA GLY A 21 1.93 -10.74 -3.22
C GLY A 21 0.67 -10.71 -2.38
N GLU A 22 -0.32 -9.97 -2.82
CA GLU A 22 -1.56 -9.86 -2.09
C GLU A 22 -2.71 -10.58 -2.71
N LYS A 23 -3.53 -11.13 -1.85
CA LYS A 23 -4.74 -11.78 -2.26
C LYS A 23 -5.90 -11.29 -1.39
N LYS A 24 -5.58 -10.57 -0.33
CA LYS A 24 -6.60 -10.16 0.61
C LYS A 24 -6.83 -8.67 0.54
N CYS A 25 -5.77 -7.92 0.31
CA CYS A 25 -5.92 -6.51 0.09
C CYS A 25 -6.37 -6.33 -1.38
N THR A 26 -7.51 -5.72 -1.60
CA THR A 26 -8.01 -5.55 -2.95
C THR A 26 -8.57 -4.12 -3.13
N GLY A 27 -8.29 -3.51 -4.27
CA GLY A 27 -8.85 -2.21 -4.58
C GLY A 27 -7.86 -1.11 -4.39
N GLY A 28 -7.80 -0.60 -3.20
CA GLY A 28 -6.87 0.44 -2.87
C GLY A 28 -5.97 -0.05 -1.80
N TRP A 29 -4.75 -0.30 -2.15
CA TRP A 29 -3.84 -0.91 -1.28
C TRP A 29 -3.07 0.11 -0.47
N ARG A 30 -3.53 0.30 0.72
CA ARG A 30 -2.95 1.25 1.65
C ARG A 30 -1.88 0.59 2.49
N CYS A 31 -0.65 1.01 2.35
CA CYS A 31 0.31 0.66 3.37
C CYS A 31 0.11 1.63 4.44
N LYS A 32 -0.03 1.13 5.61
CA LYS A 32 -0.30 1.94 6.74
C LYS A 32 0.56 1.36 7.85
N ILE A 33 0.47 1.90 9.04
CA ILE A 33 1.24 1.39 10.18
C ILE A 33 0.86 -0.09 10.47
N LYS A 34 -0.30 -0.50 10.00
CA LYS A 34 -0.76 -1.85 10.15
C LYS A 34 -0.62 -2.63 8.84
N LEU A 35 0.47 -2.34 8.11
CA LEU A 35 0.85 -3.03 6.89
C LEU A 35 -0.16 -2.83 5.76
N CYS A 36 -0.24 -3.79 4.82
CA CYS A 36 -1.13 -3.68 3.68
C CYS A 36 -2.58 -3.77 4.12
N LEU A 37 -3.32 -2.76 3.82
CA LEU A 37 -4.71 -2.73 4.14
C LEU A 37 -5.50 -2.22 2.96
N LYS A 38 -6.55 -2.93 2.63
CA LYS A 38 -7.55 -2.44 1.71
C LYS A 38 -8.12 -1.13 2.32
N ILE A 39 -8.06 -0.06 1.55
CA ILE A 39 -8.54 1.25 2.00
C ILE A 39 -10.01 1.22 2.48
#